data_1BQH
#
_entry.id   1BQH
#
_cell.length_a   85.900
_cell.length_b   98.400
_cell.length_c   170.600
_cell.angle_alpha   90.00
_cell.angle_beta   90.00
_cell.angle_gamma   90.00
#
_symmetry.space_group_name_H-M   'P 21 21 21'
#
loop_
_entity.id
_entity.type
_entity.pdbx_description
1 polymer 'PROTEIN (H-2 CLASS I HISTOCOMPATIBILITY ANTIGEN)'
2 polymer 'PROTEIN (BETA-2-MICROGLOBULIN )'
3 polymer 'PROTEIN (VSV8)'
4 polymer 'PROTEIN (CD8A OR LYT2 OR LYT-2)'
5 non-polymer 2-acetamido-2-deoxy-beta-D-glucopyranose
#
loop_
_entity_poly.entity_id
_entity_poly.type
_entity_poly.pdbx_seq_one_letter_code
_entity_poly.pdbx_strand_id
1 'polypeptide(L)'
;GPHSLRYFVTAVSRPGLGEPRYMEVGYVDDTEFVRFDSDAENPRYEPRARWMEQEGPEYWERETQKAKGNEQSFRVDLRT
LLGYYNQSKGGSHTIQVISGCEVGSDGRLLRGYQQYAYDGCDYIALNEDLKTWTAADMAALITKHKWEQAGEAERLRAYL
EGTCVEWLRRYLKNGNATLLRTDSPKAHVTHHSRPEDKVTLRCWALGFYPADITLTWQLNGEELIQDMELVETRPAGDGT
FQKWASVVVPLGKEQYYTCHVYHQGLPEPLTLRW
;
A,D
2 'polypeptide(L)'
;IQKTPQIQVYSRHPPENGKPNILNCYVTQFHPPHIEIQMLKNGKKIPKVEMSDMSFSKDWSFYILAHTEFTPTETDTYAC
RVKHDSMAEPKTVYWDRDM
;
B,E
3 'polypeptide(L)' RGYVYQGL C,F
4 'polypeptide(L)'
;KPQAPELRIFPKKMDAELGQKVDLVCEVLGSVSQGCSWLFQNSSSKLPQPTFVVYMASSHNKITWDEKLNSSKLFSAMRD
TNNKYVLTLNKFSKENEGYYFCSVISNSVMYFSSVVPVLQKVSSADLVP
;
G,H,I,K
#
loop_
_chem_comp.id
_chem_comp.type
_chem_comp.name
_chem_comp.formula
NAG D-saccharide, beta linking 2-acetamido-2-deoxy-beta-D-glucopyranose 'C8 H15 N O6'
#
# COMPACT_ATOMS: atom_id res chain seq x y z
N GLY A 1 55.13 13.06 -16.37
CA GLY A 1 54.56 12.26 -15.23
C GLY A 1 54.62 10.75 -15.44
N PRO A 2 54.40 9.95 -14.38
CA PRO A 2 54.41 8.48 -14.42
C PRO A 2 53.07 7.89 -14.88
N HIS A 3 53.11 6.75 -15.54
CA HIS A 3 51.87 6.13 -16.00
C HIS A 3 51.96 4.63 -15.82
N SER A 4 50.83 3.94 -15.81
CA SER A 4 50.86 2.50 -15.64
C SER A 4 49.64 1.78 -16.15
N LEU A 5 49.88 0.67 -16.84
CA LEU A 5 48.81 -0.15 -17.40
C LEU A 5 48.71 -1.41 -16.52
N ARG A 6 47.50 -1.77 -16.13
CA ARG A 6 47.36 -2.95 -15.30
C ARG A 6 46.03 -3.64 -15.54
N TYR A 7 45.97 -4.94 -15.21
CA TYR A 7 44.77 -5.76 -15.37
C TYR A 7 44.37 -6.49 -14.10
N PHE A 8 43.13 -6.28 -13.69
CA PHE A 8 42.56 -6.91 -12.50
C PHE A 8 41.55 -7.94 -12.97
N VAL A 9 41.92 -9.23 -12.89
CA VAL A 9 41.03 -10.30 -13.31
C VAL A 9 40.45 -11.07 -12.12
N THR A 10 39.24 -11.58 -12.29
CA THR A 10 38.54 -12.32 -11.24
C THR A 10 37.77 -13.52 -11.77
N ALA A 11 38.08 -14.69 -11.23
CA ALA A 11 37.40 -15.91 -11.64
C ALA A 11 36.81 -16.54 -10.40
N VAL A 12 35.59 -16.14 -10.05
CA VAL A 12 34.93 -16.65 -8.85
C VAL A 12 33.94 -17.78 -9.14
N SER A 13 34.17 -18.92 -8.50
CA SER A 13 33.31 -20.08 -8.66
C SER A 13 32.16 -19.91 -7.69
N ARG A 14 31.04 -20.53 -8.01
CA ARG A 14 29.88 -20.44 -7.14
C ARG A 14 28.88 -21.52 -7.50
N PRO A 15 29.03 -22.70 -6.89
CA PRO A 15 28.15 -23.85 -7.12
C PRO A 15 26.80 -23.59 -6.45
N GLY A 16 25.74 -24.07 -7.07
CA GLY A 16 24.41 -23.87 -6.51
C GLY A 16 23.66 -22.78 -7.23
N LEU A 17 24.39 -21.81 -7.78
CA LEU A 17 23.74 -20.70 -8.50
C LEU A 17 24.49 -20.25 -9.75
N GLY A 18 24.60 -21.13 -10.73
CA GLY A 18 25.28 -20.78 -11.95
C GLY A 18 26.73 -21.22 -11.99
N GLU A 19 27.37 -21.05 -13.14
CA GLU A 19 28.77 -21.43 -13.35
C GLU A 19 29.69 -20.34 -12.76
N PRO A 20 31.01 -20.56 -12.82
CA PRO A 20 31.94 -19.55 -12.28
C PRO A 20 31.96 -18.30 -13.14
N ARG A 21 31.99 -17.15 -12.46
CA ARG A 21 32.00 -15.86 -13.15
C ARG A 21 33.42 -15.36 -13.39
N TYR A 22 33.64 -14.81 -14.57
CA TYR A 22 34.95 -14.32 -14.89
C TYR A 22 34.86 -12.90 -15.37
N MET A 23 35.61 -12.06 -14.68
CA MET A 23 35.63 -10.67 -15.00
C MET A 23 37.03 -10.27 -15.24
N GLU A 24 37.18 -9.44 -16.22
CA GLU A 24 38.46 -8.95 -16.61
C GLU A 24 38.37 -7.44 -16.81
N VAL A 25 39.03 -6.70 -15.94
CA VAL A 25 38.98 -5.27 -16.08
C VAL A 25 40.40 -4.72 -16.07
N GLY A 26 40.63 -3.76 -16.96
CA GLY A 26 41.94 -3.15 -17.09
C GLY A 26 41.91 -1.70 -16.64
N TYR A 27 43.08 -1.18 -16.28
CA TYR A 27 43.22 0.18 -15.79
C TYR A 27 44.42 0.88 -16.39
N VAL A 28 44.26 2.17 -16.66
CA VAL A 28 45.32 3.00 -17.20
C VAL A 28 45.41 4.18 -16.26
N ASP A 29 46.50 4.24 -15.50
CA ASP A 29 46.68 5.32 -14.57
C ASP A 29 45.59 5.25 -13.49
N ASP A 30 45.22 4.03 -13.13
CA ASP A 30 44.20 3.82 -12.12
C ASP A 30 42.79 4.16 -12.58
N THR A 31 42.60 4.27 -13.90
CA THR A 31 41.30 4.58 -14.48
C THR A 31 40.86 3.42 -15.34
N GLU A 32 39.66 2.91 -15.09
CA GLU A 32 39.16 1.79 -15.86
C GLU A 32 38.86 2.20 -17.29
N PHE A 33 39.51 1.56 -18.25
CA PHE A 33 39.28 1.88 -19.66
C PHE A 33 38.69 0.71 -20.44
N VAL A 34 38.83 -0.49 -19.89
CA VAL A 34 38.29 -1.69 -20.54
C VAL A 34 37.70 -2.67 -19.54
N ARG A 35 36.77 -3.49 -20.03
CA ARG A 35 36.09 -4.49 -19.20
C ARG A 35 35.54 -5.69 -19.97
N PHE A 36 35.17 -6.73 -19.21
CA PHE A 36 34.60 -7.97 -19.71
C PHE A 36 33.98 -8.75 -18.55
N ASP A 37 32.66 -8.90 -18.57
CA ASP A 37 31.97 -9.61 -17.50
C ASP A 37 31.28 -10.81 -18.11
N SER A 38 31.63 -12.01 -17.65
CA SER A 38 31.01 -13.22 -18.17
C SER A 38 29.50 -13.17 -17.98
N ASP A 39 29.06 -12.38 -17.01
CA ASP A 39 27.64 -12.25 -16.70
C ASP A 39 26.87 -11.27 -17.58
N ALA A 40 27.57 -10.48 -18.38
CA ALA A 40 26.93 -9.52 -19.27
C ALA A 40 25.91 -10.16 -20.22
N GLU A 41 25.04 -9.33 -20.80
CA GLU A 41 24.04 -9.83 -21.74
C GLU A 41 24.77 -10.45 -22.94
N ASN A 42 25.73 -9.69 -23.47
CA ASN A 42 26.54 -10.15 -24.60
C ASN A 42 27.98 -10.09 -24.11
N PRO A 43 28.41 -11.13 -23.38
CA PRO A 43 29.74 -11.27 -22.80
C PRO A 43 30.87 -11.01 -23.79
N ARG A 44 31.46 -9.83 -23.67
CA ARG A 44 32.56 -9.45 -24.54
C ARG A 44 33.26 -8.24 -23.95
N TYR A 45 34.42 -7.90 -24.50
CA TYR A 45 35.18 -6.78 -24.01
C TYR A 45 34.52 -5.49 -24.46
N GLU A 46 34.50 -4.50 -23.58
CA GLU A 46 33.88 -3.24 -23.92
C GLU A 46 34.66 -2.08 -23.31
N PRO A 47 34.73 -0.95 -24.02
CA PRO A 47 35.45 0.24 -23.55
C PRO A 47 34.74 0.89 -22.39
N ARG A 48 35.51 1.56 -21.52
CA ARG A 48 34.93 2.23 -20.38
C ARG A 48 35.20 3.75 -20.44
N ALA A 49 36.01 4.16 -21.41
CA ALA A 49 36.37 5.55 -21.61
C ALA A 49 36.01 5.94 -23.03
N ARG A 50 35.50 7.16 -23.22
CA ARG A 50 35.12 7.63 -24.54
C ARG A 50 36.28 7.48 -25.52
N TRP A 51 37.47 7.87 -25.07
CA TRP A 51 38.68 7.81 -25.89
C TRP A 51 39.12 6.39 -26.18
N MET A 52 38.28 5.43 -25.82
CA MET A 52 38.60 4.02 -26.06
C MET A 52 37.75 3.50 -27.21
N GLU A 53 36.67 4.21 -27.49
CA GLU A 53 35.76 3.82 -28.56
C GLU A 53 36.35 3.96 -29.97
N GLN A 54 37.52 4.61 -30.07
CA GLN A 54 38.14 4.79 -31.38
C GLN A 54 38.56 3.43 -31.93
N GLU A 55 39.18 2.62 -31.09
CA GLU A 55 39.63 1.29 -31.47
C GLU A 55 38.52 0.57 -32.23
N GLY A 56 38.86 0.00 -33.38
CA GLY A 56 37.86 -0.69 -34.17
C GLY A 56 37.43 -2.07 -33.71
N PRO A 57 36.51 -2.70 -34.45
CA PRO A 57 35.99 -4.05 -34.15
C PRO A 57 37.08 -5.11 -34.04
N GLU A 58 38.11 -4.98 -34.86
CA GLU A 58 39.22 -5.94 -34.85
C GLU A 58 39.85 -6.02 -33.45
N TYR A 59 39.99 -4.87 -32.78
CA TYR A 59 40.59 -4.81 -31.44
C TYR A 59 39.73 -5.50 -30.39
N TRP A 60 38.44 -5.18 -30.38
CA TRP A 60 37.50 -5.77 -29.42
C TRP A 60 37.26 -7.27 -29.64
N GLU A 61 37.54 -7.76 -30.85
CA GLU A 61 37.35 -9.16 -31.13
C GLU A 61 38.52 -9.93 -30.54
N ARG A 62 39.71 -9.37 -30.68
CA ARG A 62 40.89 -10.01 -30.17
C ARG A 62 40.82 -10.12 -28.65
N GLU A 63 40.39 -9.05 -28.00
CA GLU A 63 40.29 -9.04 -26.55
C GLU A 63 39.21 -9.96 -26.05
N THR A 64 38.07 -9.98 -26.74
CA THR A 64 36.97 -10.85 -26.32
C THR A 64 37.42 -12.32 -26.39
N GLN A 65 38.16 -12.64 -27.44
CA GLN A 65 38.64 -13.99 -27.59
C GLN A 65 39.53 -14.30 -26.40
N LYS A 66 40.50 -13.43 -26.14
CA LYS A 66 41.41 -13.61 -25.01
C LYS A 66 40.64 -13.85 -23.71
N ALA A 67 39.61 -13.05 -23.45
CA ALA A 67 38.81 -13.20 -22.24
C ALA A 67 38.04 -14.51 -22.28
N LYS A 68 37.46 -14.81 -23.44
CA LYS A 68 36.70 -16.05 -23.61
C LYS A 68 37.61 -17.24 -23.39
N GLY A 69 38.85 -17.09 -23.87
CA GLY A 69 39.87 -18.09 -23.73
C GLY A 69 40.37 -18.20 -22.29
N ASN A 70 40.63 -17.08 -21.63
CA ASN A 70 41.12 -17.14 -20.24
C ASN A 70 40.02 -17.66 -19.33
N GLU A 71 38.82 -17.10 -19.48
CA GLU A 71 37.65 -17.47 -18.67
C GLU A 71 37.52 -18.98 -18.53
N GLN A 72 37.81 -19.69 -19.60
CA GLN A 72 37.73 -21.13 -19.63
C GLN A 72 38.87 -21.76 -18.85
N SER A 73 40.08 -21.30 -19.12
CA SER A 73 41.26 -21.84 -18.45
C SER A 73 41.30 -21.51 -16.96
N PHE A 74 40.56 -20.49 -16.55
CA PHE A 74 40.53 -20.13 -15.13
C PHE A 74 39.55 -21.02 -14.38
N ARG A 75 38.59 -21.56 -15.12
CA ARG A 75 37.59 -22.43 -14.54
C ARG A 75 38.26 -23.70 -14.06
N VAL A 76 39.28 -24.16 -14.79
CA VAL A 76 40.00 -25.38 -14.42
C VAL A 76 40.82 -25.08 -13.19
N ASP A 77 41.46 -23.91 -13.23
CA ASP A 77 42.31 -23.39 -12.15
C ASP A 77 41.57 -23.47 -10.81
N LEU A 78 40.27 -23.23 -10.87
CA LEU A 78 39.46 -23.27 -9.67
C LEU A 78 39.33 -24.71 -9.23
N ARG A 79 39.34 -25.61 -10.21
CA ARG A 79 39.22 -27.04 -9.94
C ARG A 79 40.59 -27.55 -9.54
N THR A 80 41.61 -27.07 -10.25
CA THR A 80 42.98 -27.46 -9.98
C THR A 80 43.32 -27.13 -8.53
N LEU A 81 42.86 -25.96 -8.10
CA LEU A 81 43.08 -25.45 -6.75
C LEU A 81 42.25 -26.22 -5.72
N LEU A 82 41.15 -26.80 -6.18
CA LEU A 82 40.30 -27.58 -5.30
C LEU A 82 41.11 -28.79 -4.80
N GLY A 83 41.92 -29.36 -5.69
CA GLY A 83 42.76 -30.49 -5.35
C GLY A 83 44.03 -30.12 -4.58
N TYR A 84 44.72 -29.04 -4.99
CA TYR A 84 45.96 -28.60 -4.31
C TYR A 84 45.67 -28.36 -2.85
N TYR A 85 44.49 -27.81 -2.58
CA TYR A 85 44.07 -27.52 -1.22
C TYR A 85 43.09 -28.58 -0.71
N ASN A 86 42.58 -29.39 -1.63
CA ASN A 86 41.64 -30.43 -1.26
C ASN A 86 40.39 -29.91 -0.54
N GLN A 87 39.63 -29.07 -1.22
CA GLN A 87 38.41 -28.53 -0.65
C GLN A 87 37.25 -29.21 -1.35
N SER A 88 36.10 -29.26 -0.69
CA SER A 88 34.93 -29.90 -1.30
C SER A 88 34.48 -29.16 -2.55
N LYS A 89 33.36 -29.63 -3.10
CA LYS A 89 32.77 -29.05 -4.30
C LYS A 89 31.41 -28.48 -3.89
N GLY A 90 31.38 -27.22 -3.45
CA GLY A 90 30.11 -26.64 -3.04
C GLY A 90 30.33 -25.27 -2.46
N GLY A 91 31.48 -25.11 -1.83
CA GLY A 91 31.84 -23.84 -1.23
C GLY A 91 32.52 -23.01 -2.29
N SER A 92 31.89 -21.91 -2.67
CA SER A 92 32.45 -21.05 -3.67
C SER A 92 33.81 -20.57 -3.22
N HIS A 93 34.70 -20.48 -4.21
CA HIS A 93 36.04 -20.01 -3.96
C HIS A 93 36.25 -18.94 -5.00
N THR A 94 37.34 -18.21 -4.88
CA THR A 94 37.61 -17.16 -5.83
C THR A 94 39.10 -16.94 -6.01
N ILE A 95 39.48 -16.73 -7.27
CA ILE A 95 40.87 -16.48 -7.60
C ILE A 95 40.92 -15.10 -8.25
N GLN A 96 41.82 -14.25 -7.77
CA GLN A 96 41.95 -12.91 -8.32
C GLN A 96 43.37 -12.73 -8.75
N VAL A 97 43.63 -11.68 -9.48
CA VAL A 97 44.97 -11.44 -9.91
C VAL A 97 45.16 -10.08 -10.51
N ILE A 98 46.26 -9.47 -10.10
CA ILE A 98 46.61 -8.15 -10.55
C ILE A 98 47.97 -8.29 -11.25
N SER A 99 48.01 -7.78 -12.48
CA SER A 99 49.22 -7.84 -13.29
C SER A 99 49.25 -6.67 -14.25
N GLY A 100 50.44 -6.06 -14.39
CA GLY A 100 50.62 -4.92 -15.29
C GLY A 100 52.03 -4.38 -15.18
N CYS A 101 52.20 -3.11 -15.55
CA CYS A 101 53.52 -2.48 -15.48
C CYS A 101 53.41 -1.01 -15.14
N GLU A 102 54.50 -0.47 -14.59
CA GLU A 102 54.55 0.93 -14.22
C GLU A 102 55.66 1.64 -14.99
N VAL A 103 55.31 2.73 -15.64
CA VAL A 103 56.26 3.49 -16.43
C VAL A 103 56.60 4.83 -15.80
N GLY A 104 57.90 5.07 -15.64
CA GLY A 104 58.36 6.32 -15.05
C GLY A 104 58.09 7.54 -15.92
N SER A 105 58.25 8.71 -15.31
CA SER A 105 58.00 9.99 -15.99
C SER A 105 58.85 10.14 -17.23
N ASP A 106 59.96 9.38 -17.29
CA ASP A 106 60.87 9.42 -18.44
C ASP A 106 60.44 8.48 -19.56
N GLY A 107 59.53 7.57 -19.26
CA GLY A 107 59.06 6.65 -20.28
C GLY A 107 59.53 5.23 -20.06
N ARG A 108 60.57 5.08 -19.25
CA ARG A 108 61.13 3.77 -18.93
C ARG A 108 60.15 2.93 -18.13
N LEU A 109 60.51 1.67 -17.93
CA LEU A 109 59.68 0.78 -17.15
C LEU A 109 60.21 0.86 -15.75
N LEU A 110 59.33 1.16 -14.81
CA LEU A 110 59.71 1.26 -13.42
C LEU A 110 59.60 -0.12 -12.77
N ARG A 111 58.59 -0.88 -13.17
CA ARG A 111 58.40 -2.20 -12.62
C ARG A 111 57.28 -2.95 -13.33
N GLY A 112 57.40 -4.27 -13.37
CA GLY A 112 56.40 -5.12 -13.99
C GLY A 112 56.01 -6.08 -12.91
N TYR A 113 54.73 -6.45 -12.82
CA TYR A 113 54.30 -7.37 -11.78
C TYR A 113 53.09 -8.25 -12.11
N GLN A 114 52.85 -9.22 -11.25
CA GLN A 114 51.73 -10.15 -11.39
C GLN A 114 51.54 -10.84 -10.04
N GLN A 115 50.37 -10.64 -9.42
CA GLN A 115 50.06 -11.24 -8.13
C GLN A 115 48.76 -12.01 -8.16
N TYR A 116 48.83 -13.27 -7.73
CA TYR A 116 47.67 -14.15 -7.69
C TYR A 116 47.15 -14.20 -6.25
N ALA A 117 45.85 -14.39 -6.09
CA ALA A 117 45.25 -14.45 -4.77
C ALA A 117 44.02 -15.36 -4.73
N TYR A 118 44.18 -16.49 -4.05
CA TYR A 118 43.11 -17.48 -3.89
C TYR A 118 42.35 -17.15 -2.61
N ASP A 119 41.04 -17.00 -2.74
CA ASP A 119 40.21 -16.69 -1.60
C ASP A 119 40.70 -15.48 -0.81
N GLY A 120 41.07 -14.42 -1.51
CA GLY A 120 41.54 -13.20 -0.87
C GLY A 120 42.96 -13.23 -0.32
N CYS A 121 43.54 -14.40 -0.17
CA CYS A 121 44.90 -14.52 0.36
C CYS A 121 45.92 -14.69 -0.78
N ASP A 122 47.13 -14.14 -0.59
CA ASP A 122 48.17 -14.23 -1.60
C ASP A 122 48.45 -15.67 -1.97
N TYR A 123 48.72 -15.93 -3.25
CA TYR A 123 49.03 -17.27 -3.74
C TYR A 123 50.43 -17.35 -4.36
N ILE A 124 50.65 -16.61 -5.44
CA ILE A 124 51.95 -16.59 -6.11
C ILE A 124 52.16 -15.28 -6.84
N ALA A 125 53.42 -14.88 -6.98
CA ALA A 125 53.68 -13.63 -7.67
C ALA A 125 55.04 -13.60 -8.35
N LEU A 126 55.12 -12.86 -9.45
CA LEU A 126 56.33 -12.72 -10.23
C LEU A 126 57.23 -11.72 -9.52
N ASN A 127 58.46 -12.13 -9.24
CA ASN A 127 59.42 -11.27 -8.55
C ASN A 127 59.86 -10.06 -9.37
N GLU A 128 60.49 -9.12 -8.68
CA GLU A 128 60.95 -7.92 -9.34
C GLU A 128 62.01 -8.25 -10.38
N ASP A 129 62.68 -9.39 -10.19
CA ASP A 129 63.72 -9.80 -11.13
C ASP A 129 63.12 -10.23 -12.47
N LEU A 130 61.80 -10.37 -12.50
CA LEU A 130 61.09 -10.77 -13.72
C LEU A 130 61.59 -12.08 -14.30
N LYS A 131 62.09 -12.97 -13.45
CA LYS A 131 62.57 -14.25 -13.92
C LYS A 131 62.22 -15.36 -12.94
N THR A 132 62.02 -14.99 -11.67
CA THR A 132 61.68 -15.96 -10.63
C THR A 132 60.28 -15.74 -10.05
N TRP A 133 59.79 -16.76 -9.34
CA TRP A 133 58.48 -16.69 -8.73
C TRP A 133 58.62 -16.77 -7.23
N THR A 134 57.58 -16.32 -6.53
CA THR A 134 57.57 -16.36 -5.08
C THR A 134 56.26 -16.95 -4.59
N ALA A 135 56.28 -18.24 -4.25
CA ALA A 135 55.09 -18.92 -3.76
C ALA A 135 54.83 -18.53 -2.28
N ALA A 136 53.56 -18.49 -1.90
CA ALA A 136 53.17 -18.12 -0.54
C ALA A 136 53.05 -19.35 0.34
N ASP A 137 52.61 -20.47 -0.25
CA ASP A 137 52.45 -21.73 0.47
C ASP A 137 52.85 -22.91 -0.42
N MET A 138 52.57 -24.13 0.03
CA MET A 138 52.94 -25.33 -0.73
C MET A 138 52.15 -25.54 -2.03
N ALA A 139 50.92 -25.05 -2.07
CA ALA A 139 50.10 -25.19 -3.28
C ALA A 139 50.71 -24.34 -4.40
N ALA A 140 51.19 -23.17 -4.01
CA ALA A 140 51.81 -22.25 -4.96
C ALA A 140 53.10 -22.86 -5.48
N LEU A 141 53.76 -23.62 -4.62
CA LEU A 141 55.02 -24.26 -4.96
C LEU A 141 54.85 -25.11 -6.20
N ILE A 142 53.68 -25.74 -6.35
CA ILE A 142 53.45 -26.59 -7.53
C ILE A 142 53.36 -25.70 -8.76
N THR A 143 52.49 -24.71 -8.69
CA THR A 143 52.31 -23.79 -9.78
C THR A 143 53.68 -23.21 -10.10
N LYS A 144 54.40 -22.78 -9.06
CA LYS A 144 55.74 -22.21 -9.26
C LYS A 144 56.58 -23.11 -10.16
N HIS A 145 56.64 -24.38 -9.79
CA HIS A 145 57.43 -25.36 -10.52
C HIS A 145 56.85 -25.55 -11.91
N LYS A 146 55.54 -25.69 -11.98
CA LYS A 146 54.86 -25.90 -13.26
C LYS A 146 55.21 -24.78 -14.24
N TRP A 147 55.34 -23.56 -13.73
CA TRP A 147 55.66 -22.41 -14.54
C TRP A 147 57.14 -22.31 -14.84
N GLU A 148 57.97 -22.74 -13.89
CA GLU A 148 59.42 -22.71 -14.09
C GLU A 148 59.74 -23.74 -15.17
N GLN A 149 59.30 -24.96 -14.95
CA GLN A 149 59.50 -26.05 -15.88
C GLN A 149 58.48 -25.88 -17.01
N ALA A 150 58.53 -24.74 -17.68
CA ALA A 150 57.62 -24.43 -18.77
C ALA A 150 58.05 -23.16 -19.49
N GLY A 151 58.78 -22.30 -18.79
CA GLY A 151 59.26 -21.04 -19.36
C GLY A 151 58.24 -19.91 -19.29
N GLU A 152 57.59 -19.79 -18.13
CA GLU A 152 56.57 -18.79 -17.92
C GLU A 152 57.09 -17.38 -17.66
N ALA A 153 58.06 -17.27 -16.76
CA ALA A 153 58.62 -15.97 -16.44
C ALA A 153 59.14 -15.21 -17.66
N GLU A 154 59.65 -15.93 -18.65
CA GLU A 154 60.18 -15.29 -19.86
C GLU A 154 59.06 -14.75 -20.73
N ARG A 155 57.97 -15.50 -20.83
CA ARG A 155 56.82 -15.10 -21.64
C ARG A 155 56.05 -13.96 -20.98
N LEU A 156 55.95 -14.01 -19.66
CA LEU A 156 55.26 -12.96 -18.92
C LEU A 156 56.11 -11.69 -18.95
N ARG A 157 57.41 -11.84 -18.78
CA ARG A 157 58.33 -10.70 -18.81
C ARG A 157 58.27 -10.05 -20.19
N ALA A 158 58.18 -10.88 -21.22
CA ALA A 158 58.12 -10.42 -22.61
C ALA A 158 56.86 -9.57 -22.83
N TYR A 159 55.79 -9.91 -22.12
CA TYR A 159 54.56 -9.17 -22.25
C TYR A 159 54.62 -7.91 -21.41
N LEU A 160 55.17 -8.02 -20.21
CA LEU A 160 55.30 -6.87 -19.31
C LEU A 160 56.19 -5.79 -19.90
N GLU A 161 57.27 -6.19 -20.55
CA GLU A 161 58.19 -5.24 -21.16
C GLU A 161 57.83 -4.86 -22.58
N GLY A 162 57.06 -5.72 -23.27
CA GLY A 162 56.70 -5.43 -24.64
C GLY A 162 55.29 -4.89 -24.84
N THR A 163 54.32 -5.79 -24.78
CA THR A 163 52.91 -5.42 -24.95
C THR A 163 52.49 -4.27 -24.04
N CYS A 164 52.71 -4.47 -22.74
CA CYS A 164 52.36 -3.49 -21.73
C CYS A 164 52.75 -2.04 -22.04
N VAL A 165 54.06 -1.77 -22.10
CA VAL A 165 54.54 -0.42 -22.37
C VAL A 165 54.17 0.12 -23.75
N GLU A 166 54.13 -0.77 -24.74
CA GLU A 166 53.78 -0.38 -26.11
C GLU A 166 52.37 0.12 -26.17
N TRP A 167 51.42 -0.76 -25.85
CA TRP A 167 50.02 -0.36 -25.88
C TRP A 167 49.71 0.66 -24.80
N LEU A 168 50.61 0.81 -23.83
CA LEU A 168 50.38 1.78 -22.76
C LEU A 168 50.41 3.13 -23.45
N ARG A 169 51.38 3.30 -24.34
CA ARG A 169 51.54 4.53 -25.08
C ARG A 169 50.28 4.73 -25.94
N ARG A 170 49.91 3.69 -26.66
CA ARG A 170 48.74 3.73 -27.52
C ARG A 170 47.55 4.38 -26.84
N TYR A 171 47.09 3.75 -25.76
CA TYR A 171 45.95 4.27 -25.03
C TYR A 171 46.27 5.67 -24.51
N LEU A 172 47.41 5.78 -23.84
CA LEU A 172 47.86 7.05 -23.26
C LEU A 172 47.86 8.20 -24.23
N LYS A 173 48.05 7.90 -25.52
CA LYS A 173 48.08 8.94 -26.52
C LYS A 173 46.74 9.63 -26.64
N ASN A 174 45.68 8.84 -26.82
CA ASN A 174 44.35 9.41 -26.95
C ASN A 174 43.56 9.42 -25.63
N GLY A 175 44.23 9.22 -24.52
CA GLY A 175 43.53 9.21 -23.25
C GLY A 175 44.22 10.01 -22.14
N ASN A 176 45.46 10.41 -22.37
CA ASN A 176 46.20 11.17 -21.38
C ASN A 176 45.51 12.47 -21.00
N ALA A 177 45.18 13.28 -21.99
CA ALA A 177 44.53 14.55 -21.74
C ALA A 177 43.33 14.41 -20.82
N THR A 178 42.38 13.60 -21.23
CA THR A 178 41.18 13.41 -20.44
C THR A 178 41.50 12.84 -19.06
N LEU A 179 42.66 12.21 -18.91
CA LEU A 179 43.00 11.65 -17.62
C LEU A 179 43.59 12.72 -16.72
N LEU A 180 44.23 13.70 -17.34
CA LEU A 180 44.86 14.79 -16.60
C LEU A 180 43.89 15.90 -16.19
N ARG A 181 42.63 15.74 -16.60
CA ARG A 181 41.58 16.71 -16.30
C ARG A 181 41.46 16.85 -14.79
N THR A 182 41.05 18.03 -14.35
CA THR A 182 40.90 18.32 -12.92
C THR A 182 39.70 19.19 -12.57
N ASP A 183 38.99 18.81 -11.51
CA ASP A 183 37.82 19.53 -11.03
C ASP A 183 38.07 19.90 -9.58
N SER A 184 38.36 21.16 -9.32
CA SER A 184 38.62 21.61 -7.96
C SER A 184 37.50 21.27 -6.97
N PRO A 185 37.87 20.89 -5.75
CA PRO A 185 36.89 20.53 -4.71
C PRO A 185 36.02 21.72 -4.25
N LYS A 186 34.72 21.48 -4.01
CA LYS A 186 33.81 22.53 -3.57
C LYS A 186 33.63 22.36 -2.06
N ALA A 187 34.56 22.91 -1.29
CA ALA A 187 34.60 22.82 0.17
C ALA A 187 33.77 23.79 1.04
N HIS A 188 33.67 23.43 2.32
CA HIS A 188 32.95 24.22 3.30
C HIS A 188 32.83 23.42 4.60
N VAL A 189 32.72 24.13 5.72
CA VAL A 189 32.60 23.48 7.02
C VAL A 189 31.16 23.53 7.55
N THR A 190 30.81 22.55 8.37
CA THR A 190 29.48 22.44 8.96
C THR A 190 29.56 22.42 10.48
N HIS A 191 28.53 22.96 11.11
CA HIS A 191 28.44 23.08 12.57
C HIS A 191 27.55 22.07 13.26
N HIS A 192 28.10 21.40 14.25
CA HIS A 192 27.26 20.44 14.93
C HIS A 192 27.37 20.52 16.44
N SER A 193 26.23 20.77 17.09
CA SER A 193 26.18 20.87 18.55
C SER A 193 26.51 19.52 19.19
N ARG A 194 27.23 19.54 20.30
CA ARG A 194 27.59 18.30 20.97
C ARG A 194 27.47 18.46 22.48
N PRO A 195 27.27 17.35 23.20
CA PRO A 195 27.13 17.36 24.65
C PRO A 195 28.39 17.85 25.33
N GLU A 196 28.21 18.47 26.50
CA GLU A 196 29.33 19.00 27.27
C GLU A 196 30.06 20.18 26.62
N ASP A 197 29.31 21.10 26.03
CA ASP A 197 29.89 22.29 25.41
C ASP A 197 30.92 22.11 24.33
N LYS A 198 30.77 21.09 23.50
CA LYS A 198 31.76 20.94 22.51
C LYS A 198 31.13 21.28 21.21
N VAL A 199 31.70 20.74 20.16
CA VAL A 199 31.15 21.09 18.88
C VAL A 199 32.03 20.40 17.89
N THR A 200 31.39 19.78 16.91
CA THR A 200 32.12 19.08 15.87
C THR A 200 31.98 19.83 14.53
N LEU A 201 33.13 20.11 13.93
CA LEU A 201 33.22 20.80 12.66
C LEU A 201 33.56 19.78 11.56
N ARG A 202 32.76 19.75 10.50
CA ARG A 202 32.98 18.82 9.40
C ARG A 202 33.44 19.54 8.14
N CYS A 203 34.67 19.25 7.74
CA CYS A 203 35.25 19.84 6.56
C CYS A 203 34.83 19.02 5.34
N TRP A 204 33.91 19.58 4.56
CA TRP A 204 33.44 18.90 3.37
C TRP A 204 34.36 19.17 2.18
N ALA A 205 34.15 18.42 1.10
CA ALA A 205 34.94 18.53 -0.12
C ALA A 205 34.23 17.70 -1.18
N LEU A 206 33.44 18.35 -2.04
CA LEU A 206 32.73 17.62 -3.07
C LEU A 206 33.06 17.99 -4.52
N GLY A 207 32.60 17.13 -5.43
CA GLY A 207 32.81 17.29 -6.85
C GLY A 207 34.22 17.47 -7.35
N PHE A 208 35.18 16.74 -6.78
CA PHE A 208 36.57 16.86 -7.22
C PHE A 208 37.12 15.67 -7.99
N TYR A 209 38.13 15.92 -8.79
CA TYR A 209 38.77 14.90 -9.60
C TYR A 209 40.21 15.33 -9.85
N PRO A 210 41.16 14.41 -9.72
CA PRO A 210 40.97 13.00 -9.37
C PRO A 210 40.66 12.80 -7.90
N ALA A 211 40.32 11.54 -7.57
CA ALA A 211 39.95 11.12 -6.23
C ALA A 211 40.97 11.42 -5.14
N ASP A 212 42.24 11.52 -5.51
CA ASP A 212 43.30 11.82 -4.54
C ASP A 212 43.07 13.21 -3.97
N ILE A 213 43.18 13.30 -2.65
CA ILE A 213 42.98 14.57 -1.94
C ILE A 213 43.39 14.40 -0.48
N THR A 214 43.65 15.52 0.19
CA THR A 214 44.04 15.49 1.58
C THR A 214 43.42 16.67 2.34
N LEU A 215 42.67 16.35 3.38
CA LEU A 215 42.00 17.36 4.20
C LEU A 215 42.53 17.17 5.60
N THR A 216 43.05 18.27 6.11
CA THR A 216 43.64 18.28 7.40
C THR A 216 43.26 19.52 8.20
N TRP A 217 42.82 19.25 9.44
CA TRP A 217 42.41 20.25 10.40
C TRP A 217 43.67 20.63 11.19
N GLN A 218 43.75 21.91 11.55
CA GLN A 218 44.90 22.42 12.30
C GLN A 218 44.51 23.39 13.38
N LEU A 219 45.37 23.45 14.40
CA LEU A 219 45.21 24.33 15.54
C LEU A 219 46.58 24.95 15.82
N ASN A 220 46.66 26.28 15.69
CA ASN A 220 47.89 27.01 15.94
C ASN A 220 49.08 26.43 15.16
N GLY A 221 48.79 25.95 13.95
CA GLY A 221 49.84 25.41 13.11
C GLY A 221 50.09 23.92 13.31
N GLU A 222 49.22 23.27 14.07
CA GLU A 222 49.37 21.84 14.31
C GLU A 222 48.27 20.98 13.65
N GLU A 223 48.67 20.02 12.80
CA GLU A 223 47.75 19.10 12.09
C GLU A 223 47.22 18.13 13.18
N LEU A 224 45.90 18.07 13.39
CA LEU A 224 45.35 17.19 14.42
C LEU A 224 45.07 15.76 13.94
N ILE A 225 46.14 15.11 13.49
CA ILE A 225 46.11 13.76 12.97
C ILE A 225 45.30 12.73 13.77
N GLN A 226 45.41 12.77 15.10
CA GLN A 226 44.68 11.81 15.92
C GLN A 226 43.32 12.29 16.42
N ASP A 227 43.16 13.58 16.63
CA ASP A 227 41.88 14.12 17.09
C ASP A 227 40.89 14.14 15.91
N MET A 228 41.40 13.92 14.70
CA MET A 228 40.60 13.92 13.47
C MET A 228 39.74 12.69 13.22
N GLU A 229 38.76 12.86 12.33
CA GLU A 229 37.85 11.81 11.96
C GLU A 229 37.35 12.01 10.53
N LEU A 230 37.91 11.27 9.58
CA LEU A 230 37.46 11.41 8.21
C LEU A 230 36.92 10.12 7.65
N VAL A 231 36.32 10.25 6.46
CA VAL A 231 35.69 9.18 5.68
C VAL A 231 36.43 8.73 4.43
N GLU A 232 36.06 7.55 3.93
CA GLU A 232 36.66 7.02 2.72
C GLU A 232 36.18 7.86 1.55
N THR A 233 37.09 8.24 0.67
CA THR A 233 36.72 9.05 -0.50
C THR A 233 35.73 8.25 -1.32
N ARG A 234 34.49 8.71 -1.34
CA ARG A 234 33.46 8.01 -2.09
C ARG A 234 33.06 8.69 -3.40
N PRO A 235 32.74 7.89 -4.41
CA PRO A 235 32.33 8.43 -5.72
C PRO A 235 30.98 9.10 -5.61
N ALA A 236 30.86 10.28 -6.21
CA ALA A 236 29.62 11.05 -6.20
C ALA A 236 28.64 10.41 -7.17
N GLY A 237 29.21 9.76 -8.18
CA GLY A 237 28.44 9.09 -9.21
C GLY A 237 28.42 9.84 -10.53
N ASP A 238 29.10 10.97 -10.57
CA ASP A 238 29.15 11.78 -11.76
C ASP A 238 30.60 12.00 -12.17
N GLY A 239 31.42 10.97 -12.01
CA GLY A 239 32.83 11.11 -12.36
C GLY A 239 33.62 11.80 -11.25
N THR A 240 32.96 12.68 -10.48
CA THR A 240 33.60 13.40 -9.37
C THR A 240 33.63 12.57 -8.10
N PHE A 241 34.32 13.09 -7.07
CA PHE A 241 34.45 12.39 -5.79
C PHE A 241 34.17 13.32 -4.60
N GLN A 242 33.71 12.72 -3.49
CA GLN A 242 33.40 13.46 -2.28
C GLN A 242 34.23 12.97 -1.13
N LYS A 243 34.20 13.70 -0.02
CA LYS A 243 34.94 13.32 1.19
C LYS A 243 34.81 14.40 2.26
N TRP A 244 35.00 14.02 3.51
CA TRP A 244 34.92 14.99 4.59
C TRP A 244 35.73 14.57 5.80
N ALA A 245 36.32 15.57 6.45
CA ALA A 245 37.15 15.36 7.63
C ALA A 245 36.72 16.33 8.70
N SER A 246 36.24 15.79 9.83
CA SER A 246 35.79 16.63 10.92
C SER A 246 36.71 16.51 12.13
N VAL A 247 36.43 17.31 13.15
CA VAL A 247 37.19 17.34 14.41
C VAL A 247 36.34 18.03 15.44
N VAL A 248 36.43 17.58 16.69
CA VAL A 248 35.65 18.16 17.77
C VAL A 248 36.40 19.33 18.40
N VAL A 249 35.72 20.45 18.55
CA VAL A 249 36.33 21.62 19.15
C VAL A 249 35.41 22.19 20.21
N PRO A 250 35.94 23.02 21.13
CA PRO A 250 35.14 23.62 22.19
C PRO A 250 34.31 24.78 21.63
N LEU A 251 33.07 24.92 22.12
CA LEU A 251 32.18 25.99 21.67
C LEU A 251 32.84 27.36 21.85
N GLY A 252 32.49 28.29 20.97
CA GLY A 252 33.06 29.64 21.05
C GLY A 252 34.45 29.65 20.45
N LYS A 253 35.32 28.80 20.97
CA LYS A 253 36.69 28.71 20.47
C LYS A 253 36.66 27.98 19.12
N GLU A 254 35.52 28.02 18.43
CA GLU A 254 35.40 27.33 17.16
C GLU A 254 36.15 27.95 15.98
N GLN A 255 36.35 29.26 15.98
CA GLN A 255 37.04 29.88 14.84
C GLN A 255 38.56 29.84 14.90
N TYR A 256 39.12 29.10 15.85
CA TYR A 256 40.57 29.00 15.97
C TYR A 256 41.12 27.87 15.12
N TYR A 257 40.23 27.02 14.60
CA TYR A 257 40.63 25.88 13.77
C TYR A 257 40.33 26.05 12.28
N THR A 258 41.10 25.36 11.46
CA THR A 258 40.92 25.42 10.00
C THR A 258 41.43 24.14 9.36
N CYS A 259 40.74 23.64 8.33
CA CYS A 259 41.18 22.43 7.62
C CYS A 259 41.79 22.92 6.31
N HIS A 260 42.92 22.35 5.95
CA HIS A 260 43.57 22.74 4.72
C HIS A 260 43.29 21.68 3.69
N VAL A 261 42.69 22.09 2.58
CA VAL A 261 42.39 21.16 1.51
C VAL A 261 43.53 21.16 0.48
N TYR A 262 44.15 20.01 0.26
CA TYR A 262 45.22 19.83 -0.70
C TYR A 262 44.68 18.95 -1.82
N HIS A 263 44.69 19.47 -3.04
CA HIS A 263 44.20 18.73 -4.21
C HIS A 263 44.94 19.14 -5.49
N GLN A 264 45.18 18.17 -6.35
CA GLN A 264 45.87 18.41 -7.59
C GLN A 264 45.26 19.61 -8.31
N GLY A 265 43.93 19.69 -8.34
CA GLY A 265 43.24 20.76 -9.02
C GLY A 265 43.30 22.12 -8.38
N LEU A 266 44.19 22.28 -7.41
CA LEU A 266 44.33 23.56 -6.72
C LEU A 266 45.76 24.14 -6.82
N PRO A 267 45.87 25.39 -7.28
CA PRO A 267 47.18 26.01 -7.41
C PRO A 267 47.75 26.25 -6.02
N GLU A 268 46.86 26.42 -5.05
CA GLU A 268 47.24 26.65 -3.66
C GLU A 268 46.18 26.01 -2.78
N PRO A 269 46.61 25.39 -1.68
CA PRO A 269 45.69 24.74 -0.73
C PRO A 269 44.68 25.70 -0.11
N LEU A 270 43.44 25.25 0.03
CA LEU A 270 42.39 26.07 0.60
C LEU A 270 42.50 26.04 2.12
N THR A 271 41.89 27.03 2.77
CA THR A 271 41.91 27.10 4.22
C THR A 271 40.50 27.45 4.69
N LEU A 272 39.73 26.43 5.03
CA LEU A 272 38.36 26.63 5.49
C LEU A 272 38.31 26.88 6.99
N ARG A 273 37.24 27.54 7.43
CA ARG A 273 37.04 27.87 8.83
C ARG A 273 35.56 28.19 9.04
N TRP A 274 35.04 27.88 10.22
CA TRP A 274 33.63 28.13 10.50
C TRP A 274 33.36 29.55 10.93
N ILE B 1 41.05 -14.21 5.14
CA ILE B 1 40.38 -14.44 3.83
C ILE B 1 39.05 -13.71 3.79
N GLN B 2 38.45 -13.50 4.95
CA GLN B 2 37.18 -12.82 5.03
C GLN B 2 37.35 -11.36 5.44
N LYS B 3 36.45 -10.52 4.92
CA LYS B 3 36.46 -9.09 5.21
C LYS B 3 35.03 -8.59 5.33
N THR B 4 34.79 -7.69 6.28
CA THR B 4 33.46 -7.14 6.51
C THR B 4 33.23 -5.85 5.71
N PRO B 5 32.07 -5.76 5.02
CA PRO B 5 31.64 -4.64 4.21
C PRO B 5 31.63 -3.29 4.95
N GLN B 6 31.81 -2.22 4.18
CA GLN B 6 31.83 -0.85 4.70
C GLN B 6 30.85 -0.06 3.86
N ILE B 7 29.81 0.42 4.50
CA ILE B 7 28.79 1.15 3.80
C ILE B 7 28.74 2.65 4.06
N GLN B 8 28.24 3.35 3.05
CA GLN B 8 28.05 4.80 3.04
C GLN B 8 26.83 5.10 2.15
N VAL B 9 25.80 5.69 2.75
CA VAL B 9 24.59 6.06 2.04
C VAL B 9 24.59 7.61 1.93
N TYR B 10 24.84 8.13 0.74
CA TYR B 10 24.90 9.58 0.52
C TYR B 10 24.30 10.03 -0.82
N SER B 11 24.26 11.34 -1.03
CA SER B 11 23.69 11.92 -2.25
C SER B 11 24.79 12.54 -3.12
N ARG B 12 24.59 12.45 -4.44
CA ARG B 12 25.52 12.99 -5.42
C ARG B 12 25.74 14.47 -5.16
N HIS B 13 24.65 15.24 -5.24
CA HIS B 13 24.69 16.67 -5.02
C HIS B 13 24.15 17.03 -3.65
N PRO B 14 24.56 18.20 -3.12
CA PRO B 14 24.13 18.68 -1.81
C PRO B 14 22.65 18.43 -1.61
N PRO B 15 22.26 17.95 -0.44
CA PRO B 15 20.85 17.68 -0.16
C PRO B 15 19.99 18.95 -0.15
N GLU B 16 18.72 18.82 -0.55
CA GLU B 16 17.80 19.94 -0.57
C GLU B 16 16.39 19.44 -0.79
N ASN B 17 15.60 19.44 0.28
CA ASN B 17 14.23 18.97 0.22
C ASN B 17 13.44 19.57 -0.94
N GLY B 18 12.68 18.71 -1.61
CA GLY B 18 11.87 19.14 -2.73
C GLY B 18 12.57 19.03 -4.08
N LYS B 19 13.90 19.15 -4.07
CA LYS B 19 14.69 19.08 -5.30
C LYS B 19 15.17 17.64 -5.59
N PRO B 20 14.95 17.16 -6.83
CA PRO B 20 15.36 15.81 -7.25
C PRO B 20 16.87 15.66 -7.19
N ASN B 21 17.31 14.50 -6.71
CA ASN B 21 18.73 14.24 -6.56
C ASN B 21 18.96 12.75 -6.72
N ILE B 22 20.20 12.32 -6.47
CA ILE B 22 20.54 10.91 -6.58
C ILE B 22 21.13 10.37 -5.28
N LEU B 23 20.59 9.25 -4.78
CA LEU B 23 21.08 8.64 -3.55
C LEU B 23 22.06 7.51 -3.87
N ASN B 24 23.32 7.67 -3.44
CA ASN B 24 24.38 6.66 -3.65
C ASN B 24 24.44 5.66 -2.44
N CYS B 25 25.06 4.51 -2.62
CA CYS B 25 25.22 3.50 -1.57
C CYS B 25 26.51 2.79 -1.93
N TYR B 26 27.62 3.34 -1.47
CA TYR B 26 28.96 2.83 -1.73
C TYR B 26 29.42 1.74 -0.75
N VAL B 27 29.41 0.49 -1.22
CA VAL B 27 29.83 -0.64 -0.40
C VAL B 27 31.26 -1.03 -0.73
N THR B 28 32.10 -1.12 0.28
CA THR B 28 33.49 -1.47 0.06
C THR B 28 34.04 -2.45 1.11
N GLN B 29 35.28 -2.90 0.93
CA GLN B 29 35.95 -3.82 1.84
C GLN B 29 35.22 -5.15 2.12
N PHE B 30 34.58 -5.73 1.11
CA PHE B 30 33.87 -6.99 1.27
C PHE B 30 34.46 -8.07 0.36
N HIS B 31 34.49 -9.31 0.87
CA HIS B 31 35.00 -10.51 0.18
C HIS B 31 34.34 -11.74 0.82
N PRO B 32 33.82 -12.68 0.03
CA PRO B 32 33.75 -12.75 -1.43
C PRO B 32 32.88 -11.65 -2.00
N PRO B 33 32.83 -11.59 -3.32
CA PRO B 33 32.08 -10.64 -4.15
C PRO B 33 30.57 -10.74 -3.99
N HIS B 34 30.11 -11.88 -3.48
CA HIS B 34 28.69 -12.14 -3.28
C HIS B 34 28.09 -11.14 -2.32
N ILE B 35 27.32 -10.20 -2.87
CA ILE B 35 26.68 -9.18 -2.08
C ILE B 35 25.30 -8.85 -2.57
N GLU B 36 24.43 -8.46 -1.64
CA GLU B 36 23.07 -8.09 -1.95
C GLU B 36 22.83 -6.68 -1.42
N ILE B 37 22.57 -5.74 -2.34
CA ILE B 37 22.34 -4.34 -1.99
C ILE B 37 20.96 -3.83 -2.39
N GLN B 38 20.15 -3.53 -1.39
CA GLN B 38 18.80 -3.03 -1.64
C GLN B 38 18.74 -1.58 -1.21
N MET B 39 17.85 -0.81 -1.82
CA MET B 39 17.72 0.59 -1.45
C MET B 39 16.23 0.84 -1.17
N LEU B 40 15.94 1.22 0.06
CA LEU B 40 14.57 1.46 0.46
C LEU B 40 14.14 2.87 0.83
N LYS B 41 12.89 3.19 0.49
CA LYS B 41 12.29 4.47 0.78
C LYS B 41 11.08 4.24 1.68
N ASN B 42 11.17 4.72 2.92
CA ASN B 42 10.08 4.57 3.87
C ASN B 42 9.71 3.12 4.03
N GLY B 43 10.72 2.26 4.13
CA GLY B 43 10.49 0.83 4.30
C GLY B 43 10.47 0.05 2.99
N LYS B 44 9.65 0.49 2.04
CA LYS B 44 9.56 -0.20 0.76
C LYS B 44 10.81 -0.08 -0.10
N LYS B 45 11.11 -1.16 -0.83
CA LYS B 45 12.28 -1.19 -1.70
C LYS B 45 11.99 -0.32 -2.90
N ILE B 46 13.05 0.24 -3.46
CA ILE B 46 12.95 1.09 -4.64
C ILE B 46 13.10 0.23 -5.91
N PRO B 47 12.36 0.59 -6.96
CA PRO B 47 12.39 -0.12 -8.24
C PRO B 47 13.66 0.05 -9.08
N LYS B 48 13.71 1.12 -9.85
CA LYS B 48 14.86 1.38 -10.71
C LYS B 48 16.09 1.77 -9.94
N VAL B 49 16.86 0.78 -9.51
CA VAL B 49 18.08 1.06 -8.77
C VAL B 49 19.27 0.54 -9.57
N GLU B 50 19.92 1.43 -10.30
CA GLU B 50 21.06 1.06 -11.10
C GLU B 50 22.26 0.76 -10.20
N MET B 51 23.04 -0.24 -10.59
CA MET B 51 24.19 -0.63 -9.84
C MET B 51 25.41 -0.70 -10.71
N SER B 52 26.41 0.06 -10.29
CA SER B 52 27.67 0.12 -10.96
C SER B 52 28.26 -1.27 -10.97
N ASP B 53 29.05 -1.55 -11.99
CA ASP B 53 29.73 -2.82 -12.13
C ASP B 53 30.70 -2.87 -10.94
N MET B 54 31.06 -4.10 -10.54
CA MET B 54 31.96 -4.49 -9.44
C MET B 54 33.42 -4.44 -9.82
N SER B 55 34.27 -4.09 -8.85
CA SER B 55 35.72 -4.00 -9.03
C SER B 55 36.46 -3.97 -7.65
N PHE B 56 37.51 -4.79 -7.51
CA PHE B 56 38.29 -4.86 -6.27
C PHE B 56 39.50 -3.94 -6.18
N SER B 57 40.25 -4.01 -5.08
CA SER B 57 41.43 -3.16 -4.88
C SER B 57 42.72 -3.94 -4.58
N LYS B 58 43.86 -3.25 -4.70
CA LYS B 58 45.16 -3.87 -4.46
C LYS B 58 45.19 -4.73 -3.22
N ASP B 59 44.25 -4.50 -2.31
CA ASP B 59 44.21 -5.28 -1.08
C ASP B 59 43.25 -6.45 -1.25
N TRP B 60 42.89 -6.69 -2.52
CA TRP B 60 42.01 -7.78 -2.89
C TRP B 60 40.55 -7.66 -2.50
N SER B 61 40.18 -6.60 -1.83
CA SER B 61 38.79 -6.46 -1.41
C SER B 61 37.96 -5.81 -2.50
N PHE B 62 36.68 -6.17 -2.56
CA PHE B 62 35.78 -5.63 -3.55
C PHE B 62 35.04 -4.40 -3.08
N TYR B 63 34.46 -3.68 -4.05
CA TYR B 63 33.70 -2.48 -3.80
C TYR B 63 32.73 -2.29 -4.96
N ILE B 64 31.65 -1.56 -4.71
CA ILE B 64 30.65 -1.33 -5.73
C ILE B 64 29.68 -0.21 -5.30
N LEU B 65 29.26 0.62 -6.27
CA LEU B 65 28.35 1.72 -5.99
C LEU B 65 26.96 1.45 -6.51
N ALA B 66 25.96 1.84 -5.73
CA ALA B 66 24.59 1.63 -6.13
C ALA B 66 23.82 2.90 -5.86
N HIS B 67 23.13 3.41 -6.87
CA HIS B 67 22.37 4.63 -6.68
C HIS B 67 20.95 4.49 -7.22
N THR B 68 20.18 5.55 -7.04
CA THR B 68 18.81 5.58 -7.51
C THR B 68 18.29 6.98 -7.29
N GLU B 69 17.49 7.48 -8.22
CA GLU B 69 16.94 8.83 -8.09
C GLU B 69 16.02 8.95 -6.88
N PHE B 70 16.08 10.10 -6.23
CA PHE B 70 15.23 10.33 -5.08
C PHE B 70 15.07 11.81 -4.86
N THR B 71 14.02 12.19 -4.17
CA THR B 71 13.77 13.59 -3.86
C THR B 71 13.64 13.70 -2.35
N PRO B 72 14.65 14.27 -1.70
CA PRO B 72 14.72 14.46 -0.25
C PRO B 72 13.57 15.24 0.39
N THR B 73 13.13 14.76 1.54
CA THR B 73 12.05 15.38 2.30
C THR B 73 12.60 15.47 3.69
N GLU B 74 11.97 16.25 4.56
CA GLU B 74 12.50 16.35 5.89
C GLU B 74 11.87 15.27 6.76
N THR B 75 11.01 14.45 6.15
CA THR B 75 10.35 13.39 6.90
C THR B 75 10.43 12.01 6.23
N ASP B 76 11.04 11.97 5.06
CA ASP B 76 11.15 10.71 4.35
C ASP B 76 12.41 9.99 4.78
N THR B 77 12.31 8.67 4.95
CA THR B 77 13.47 7.89 5.37
C THR B 77 14.07 7.13 4.19
N TYR B 78 15.39 7.04 4.19
CA TYR B 78 16.11 6.33 3.14
C TYR B 78 17.21 5.50 3.80
N ALA B 79 17.38 4.27 3.34
CA ALA B 79 18.39 3.38 3.89
C ALA B 79 18.85 2.40 2.83
N CYS B 80 19.89 1.64 3.13
CA CYS B 80 20.47 0.66 2.20
C CYS B 80 20.64 -0.66 2.92
N ARG B 81 19.81 -1.64 2.58
CA ARG B 81 19.90 -2.95 3.22
C ARG B 81 20.91 -3.84 2.45
N VAL B 82 22.10 -4.01 3.02
CA VAL B 82 23.15 -4.83 2.41
C VAL B 82 23.29 -6.22 3.03
N LYS B 83 23.28 -7.25 2.19
CA LYS B 83 23.40 -8.62 2.67
C LYS B 83 24.70 -9.21 2.20
N HIS B 84 25.45 -9.81 3.12
CA HIS B 84 26.73 -10.42 2.79
C HIS B 84 27.08 -11.57 3.74
N ASP B 85 27.72 -12.62 3.20
CA ASP B 85 28.10 -13.79 3.98
C ASP B 85 28.85 -13.55 5.30
N SER B 86 29.68 -12.52 5.38
CA SER B 86 30.46 -12.25 6.61
C SER B 86 29.69 -11.48 7.65
N MET B 87 28.40 -11.31 7.36
CA MET B 87 27.53 -10.60 8.26
C MET B 87 26.47 -11.53 8.78
N ALA B 88 26.50 -11.76 10.08
CA ALA B 88 25.55 -12.64 10.70
C ALA B 88 24.13 -12.20 10.38
N GLU B 89 23.91 -10.89 10.35
CA GLU B 89 22.60 -10.34 10.05
C GLU B 89 22.75 -9.22 9.02
N PRO B 90 21.87 -9.21 8.01
CA PRO B 90 21.87 -8.21 6.93
C PRO B 90 21.76 -6.77 7.45
N LYS B 91 22.89 -6.09 7.48
CA LYS B 91 22.97 -4.71 7.95
C LYS B 91 22.19 -3.67 7.14
N THR B 92 21.34 -2.92 7.81
CA THR B 92 20.53 -1.89 7.17
C THR B 92 21.03 -0.54 7.63
N VAL B 93 21.74 0.16 6.76
CA VAL B 93 22.28 1.49 7.09
C VAL B 93 21.37 2.61 6.55
N TYR B 94 21.13 3.60 7.39
CA TYR B 94 20.28 4.74 7.03
C TYR B 94 21.05 5.96 6.52
N TRP B 95 20.37 6.75 5.69
CA TRP B 95 20.96 7.94 5.11
C TRP B 95 20.97 9.08 6.11
N ASP B 96 22.14 9.68 6.29
CA ASP B 96 22.26 10.80 7.21
C ASP B 96 22.75 12.03 6.46
N ARG B 97 21.83 12.97 6.29
CA ARG B 97 22.07 14.25 5.61
C ARG B 97 23.49 14.78 5.81
N ASP B 98 23.90 14.90 7.06
CA ASP B 98 25.21 15.40 7.39
C ASP B 98 26.37 14.38 7.23
N MET B 99 26.33 13.47 6.25
CA MET B 99 27.43 12.51 6.17
C MET B 99 28.21 12.21 4.90
N ARG C 1 48.31 -4.88 -23.72
CA ARG C 1 46.82 -5.03 -23.64
C ARG C 1 46.51 -6.35 -22.94
N GLY C 2 45.26 -6.79 -23.05
CA GLY C 2 44.86 -8.04 -22.42
C GLY C 2 45.89 -9.16 -22.50
N TYR C 3 46.15 -9.79 -21.35
CA TYR C 3 47.10 -10.89 -21.29
C TYR C 3 46.40 -12.25 -21.32
N VAL C 4 47.12 -13.25 -21.81
CA VAL C 4 46.60 -14.63 -21.89
C VAL C 4 47.21 -15.36 -20.69
N TYR C 5 46.38 -15.62 -19.68
CA TYR C 5 46.88 -16.27 -18.49
C TYR C 5 47.22 -17.74 -18.63
N GLN C 6 48.16 -18.16 -17.79
CA GLN C 6 48.66 -19.53 -17.73
C GLN C 6 47.99 -20.32 -16.62
N GLY C 7 47.84 -21.62 -16.84
CA GLY C 7 47.21 -22.50 -15.87
C GLY C 7 48.00 -22.69 -14.58
N LEU C 8 47.29 -22.87 -13.47
CA LEU C 8 47.92 -23.07 -12.17
C LEU C 8 48.23 -24.56 -11.89
N GLY D 1 -32.88 9.87 -23.28
CA GLY D 1 -33.02 9.15 -21.99
C GLY D 1 -33.18 7.64 -22.13
N PRO D 2 -33.37 6.93 -21.01
CA PRO D 2 -33.53 5.47 -20.99
C PRO D 2 -34.96 5.01 -21.35
N HIS D 3 -35.06 4.05 -22.24
CA HIS D 3 -36.36 3.54 -22.65
C HIS D 3 -36.41 2.03 -22.43
N SER D 4 -37.60 1.45 -22.49
CA SER D 4 -37.71 0.02 -22.26
C SER D 4 -38.95 -0.62 -22.85
N LEU D 5 -38.74 -1.77 -23.49
CA LEU D 5 -39.80 -2.54 -24.11
C LEU D 5 -40.01 -3.78 -23.22
N ARG D 6 -41.19 -3.87 -22.61
CA ARG D 6 -41.52 -4.99 -21.72
C ARG D 6 -42.72 -5.74 -22.28
N TYR D 7 -42.86 -7.01 -21.90
CA TYR D 7 -43.97 -7.84 -22.32
C TYR D 7 -44.45 -8.62 -21.11
N PHE D 8 -45.65 -8.35 -20.64
CA PHE D 8 -46.15 -9.06 -19.47
C PHE D 8 -47.08 -10.17 -19.91
N VAL D 9 -46.72 -11.41 -19.58
CA VAL D 9 -47.54 -12.55 -19.97
C VAL D 9 -48.22 -13.16 -18.76
N THR D 10 -49.40 -13.73 -18.99
CA THR D 10 -50.15 -14.36 -17.90
C THR D 10 -51.07 -15.50 -18.35
N ALA D 11 -50.84 -16.68 -17.80
CA ALA D 11 -51.61 -17.87 -18.10
C ALA D 11 -52.24 -18.37 -16.80
N VAL D 12 -53.56 -18.40 -16.77
CA VAL D 12 -54.30 -18.84 -15.59
C VAL D 12 -55.35 -19.89 -15.93
N SER D 13 -55.11 -21.11 -15.46
CA SER D 13 -56.03 -22.22 -15.70
C SER D 13 -57.28 -22.04 -14.86
N ARG D 14 -58.41 -22.40 -15.45
CA ARG D 14 -59.69 -22.26 -14.79
C ARG D 14 -60.43 -23.57 -14.74
N PRO D 15 -59.98 -24.52 -13.92
CA PRO D 15 -60.73 -25.78 -13.89
C PRO D 15 -62.20 -25.55 -13.46
N GLY D 16 -63.14 -26.06 -14.26
CA GLY D 16 -64.55 -25.91 -13.95
C GLY D 16 -65.12 -24.56 -14.37
N LEU D 17 -64.24 -23.58 -14.53
CA LEU D 17 -64.62 -22.24 -14.92
C LEU D 17 -64.50 -21.97 -16.44
N GLY D 18 -63.84 -22.87 -17.16
CA GLY D 18 -63.65 -22.73 -18.59
C GLY D 18 -62.19 -23.08 -18.94
N GLU D 19 -61.77 -22.90 -20.20
CA GLU D 19 -60.39 -23.23 -20.58
C GLU D 19 -59.39 -22.22 -19.99
N PRO D 20 -58.10 -22.57 -19.97
CA PRO D 20 -57.10 -21.64 -19.42
C PRO D 20 -57.11 -20.30 -20.17
N ARG D 21 -56.98 -19.21 -19.41
CA ARG D 21 -56.96 -17.89 -20.01
C ARG D 21 -55.52 -17.54 -20.30
N TYR D 22 -55.28 -16.86 -21.40
CA TYR D 22 -53.93 -16.47 -21.74
C TYR D 22 -53.99 -15.10 -22.30
N MET D 23 -53.06 -14.26 -21.88
CA MET D 23 -53.01 -12.90 -22.36
C MET D 23 -51.61 -12.34 -22.18
N GLU D 24 -51.15 -11.65 -23.21
CA GLU D 24 -49.85 -11.03 -23.18
C GLU D 24 -50.00 -9.60 -23.67
N VAL D 25 -49.46 -8.70 -22.85
CA VAL D 25 -49.50 -7.27 -23.15
C VAL D 25 -48.09 -6.65 -23.13
N GLY D 26 -47.86 -5.75 -24.10
CA GLY D 26 -46.60 -5.07 -24.27
C GLY D 26 -46.58 -3.73 -23.60
N TYR D 27 -45.40 -3.26 -23.22
CA TYR D 27 -45.26 -1.98 -22.51
C TYR D 27 -44.07 -1.16 -22.94
N VAL D 28 -44.30 -0.18 -23.80
CA VAL D 28 -43.22 0.69 -24.23
C VAL D 28 -43.07 1.77 -23.16
N ASP D 29 -41.88 1.83 -22.55
CA ASP D 29 -41.59 2.80 -21.51
C ASP D 29 -42.71 2.92 -20.47
N ASP D 30 -43.19 1.78 -19.97
CA ASP D 30 -44.24 1.77 -18.97
C ASP D 30 -45.66 2.04 -19.48
N THR D 31 -45.84 2.27 -20.76
CA THR D 31 -47.18 2.53 -21.27
C THR D 31 -47.60 1.39 -22.19
N GLU D 32 -48.80 0.91 -21.99
CA GLU D 32 -49.32 -0.20 -22.79
C GLU D 32 -49.48 0.24 -24.22
N PHE D 33 -48.97 -0.54 -25.16
CA PHE D 33 -49.09 -0.14 -26.55
C PHE D 33 -49.63 -1.24 -27.44
N VAL D 34 -49.63 -2.46 -26.91
CA VAL D 34 -50.12 -3.61 -27.66
C VAL D 34 -50.64 -4.69 -26.72
N ARG D 35 -51.73 -5.38 -27.08
CA ARG D 35 -52.29 -6.42 -26.20
C ARG D 35 -53.04 -7.55 -26.90
N PHE D 36 -53.05 -8.71 -26.25
CA PHE D 36 -53.74 -9.91 -26.76
C PHE D 36 -54.35 -10.63 -25.58
N ASP D 37 -55.64 -10.95 -25.71
CA ASP D 37 -56.39 -11.63 -24.66
C ASP D 37 -57.28 -12.71 -25.28
N SER D 38 -57.12 -13.94 -24.81
CA SER D 38 -57.89 -15.08 -25.29
C SER D 38 -59.40 -14.99 -25.01
N ASP D 39 -59.77 -14.30 -23.95
CA ASP D 39 -61.18 -14.17 -23.60
C ASP D 39 -61.94 -13.20 -24.50
N ALA D 40 -61.19 -12.51 -25.38
CA ALA D 40 -61.77 -11.54 -26.30
C ALA D 40 -62.80 -12.19 -27.22
N GLU D 41 -63.66 -11.39 -27.82
CA GLU D 41 -64.69 -11.92 -28.72
C GLU D 41 -64.07 -12.34 -30.06
N ASN D 42 -62.80 -12.01 -30.24
CA ASN D 42 -62.08 -12.34 -31.46
C ASN D 42 -60.59 -12.27 -31.10
N PRO D 43 -60.11 -13.25 -30.33
CA PRO D 43 -58.72 -13.31 -29.91
C PRO D 43 -57.76 -12.86 -31.01
N ARG D 44 -57.19 -11.69 -30.81
CA ARG D 44 -56.24 -11.13 -31.78
C ARG D 44 -55.30 -10.15 -31.08
N TYR D 45 -54.14 -9.88 -31.65
CA TYR D 45 -53.22 -8.94 -31.02
C TYR D 45 -53.69 -7.55 -31.47
N GLU D 46 -54.15 -6.75 -30.52
CA GLU D 46 -54.65 -5.42 -30.85
C GLU D 46 -53.76 -4.28 -30.35
N PRO D 47 -53.82 -3.12 -31.03
CA PRO D 47 -53.05 -1.92 -30.68
C PRO D 47 -53.72 -1.22 -29.52
N ARG D 48 -52.93 -0.74 -28.56
CA ARG D 48 -53.47 -0.05 -27.40
C ARG D 48 -53.14 1.42 -27.42
N ALA D 49 -52.46 1.86 -28.48
CA ALA D 49 -52.05 3.25 -28.68
C ALA D 49 -52.16 3.56 -30.15
N ARG D 50 -52.96 4.58 -30.46
CA ARG D 50 -53.20 5.01 -31.84
C ARG D 50 -51.96 4.99 -32.72
N TRP D 51 -50.82 5.43 -32.18
CA TRP D 51 -49.60 5.45 -32.97
C TRP D 51 -49.11 4.07 -33.40
N MET D 52 -49.76 3.04 -32.89
CA MET D 52 -49.38 1.66 -33.25
C MET D 52 -50.17 1.23 -34.47
N GLU D 53 -51.21 1.98 -34.79
CA GLU D 53 -52.05 1.69 -35.94
C GLU D 53 -51.31 1.89 -37.26
N GLN D 54 -50.12 2.48 -37.19
CA GLN D 54 -49.32 2.74 -38.39
C GLN D 54 -48.53 1.54 -38.86
N GLU D 55 -48.98 0.36 -38.48
CA GLU D 55 -48.30 -0.87 -38.88
C GLU D 55 -49.26 -1.63 -39.77
N GLY D 56 -48.76 -2.10 -40.91
CA GLY D 56 -49.60 -2.84 -41.83
C GLY D 56 -50.27 -4.05 -41.19
N PRO D 57 -51.31 -4.59 -41.84
CA PRO D 57 -52.04 -5.75 -41.35
C PRO D 57 -51.13 -6.98 -41.20
N GLU D 58 -50.01 -6.93 -41.90
CA GLU D 58 -49.03 -8.01 -41.87
C GLU D 58 -48.32 -8.12 -40.52
N TYR D 59 -48.21 -7.01 -39.79
CA TYR D 59 -47.56 -7.00 -38.48
C TYR D 59 -48.42 -7.71 -37.41
N TRP D 60 -49.70 -7.36 -37.41
CA TRP D 60 -50.70 -7.91 -36.49
C TRP D 60 -50.94 -9.40 -36.68
N GLU D 61 -50.99 -9.87 -37.92
CA GLU D 61 -51.20 -11.28 -38.21
C GLU D 61 -50.06 -12.07 -37.58
N ARG D 62 -48.83 -11.73 -37.96
CA ARG D 62 -47.65 -12.40 -37.42
C ARG D 62 -47.69 -12.38 -35.90
N GLU D 63 -47.95 -11.21 -35.33
CA GLU D 63 -48.01 -11.10 -33.88
C GLU D 63 -49.12 -11.97 -33.35
N THR D 64 -50.27 -11.92 -33.99
CA THR D 64 -51.41 -12.73 -33.56
C THR D 64 -51.02 -14.19 -33.50
N GLN D 65 -50.30 -14.63 -34.54
CA GLN D 65 -49.86 -16.01 -34.62
C GLN D 65 -49.05 -16.40 -33.40
N LYS D 66 -47.96 -15.69 -33.15
CA LYS D 66 -47.12 -15.97 -31.99
C LYS D 66 -47.95 -16.11 -30.72
N ALA D 67 -48.87 -15.17 -30.50
CA ALA D 67 -49.71 -15.19 -29.32
C ALA D 67 -50.52 -16.46 -29.30
N LYS D 68 -50.99 -16.85 -30.48
CA LYS D 68 -51.79 -18.06 -30.61
C LYS D 68 -50.94 -19.30 -30.24
N GLY D 69 -49.69 -19.29 -30.66
CA GLY D 69 -48.81 -20.39 -30.36
C GLY D 69 -48.40 -20.38 -28.89
N ASN D 70 -47.99 -19.21 -28.42
CA ASN D 70 -47.58 -19.05 -27.03
C ASN D 70 -48.67 -19.54 -26.09
N GLU D 71 -49.93 -19.26 -26.45
CA GLU D 71 -51.09 -19.67 -25.66
C GLU D 71 -51.08 -21.20 -25.58
N GLN D 72 -51.21 -21.84 -26.74
CA GLN D 72 -51.20 -23.30 -26.82
C GLN D 72 -50.03 -23.82 -26.02
N SER D 73 -48.93 -23.09 -26.12
CA SER D 73 -47.69 -23.44 -25.43
C SER D 73 -47.86 -23.38 -23.92
N PHE D 74 -48.24 -22.21 -23.43
CA PHE D 74 -48.43 -22.02 -22.02
C PHE D 74 -49.49 -22.92 -21.42
N ARG D 75 -50.31 -23.52 -22.28
CA ARG D 75 -51.36 -24.40 -21.83
C ARG D 75 -50.81 -25.75 -21.34
N VAL D 76 -49.65 -26.16 -21.90
CA VAL D 76 -49.00 -27.42 -21.51
C VAL D 76 -48.06 -27.15 -20.34
N ASP D 77 -47.45 -25.97 -20.38
CA ASP D 77 -46.54 -25.52 -19.35
C ASP D 77 -47.30 -25.56 -18.02
N LEU D 78 -48.61 -25.34 -18.10
CA LEU D 78 -49.48 -25.37 -16.94
C LEU D 78 -49.66 -26.83 -16.52
N ARG D 79 -49.88 -27.70 -17.51
CA ARG D 79 -50.05 -29.11 -17.22
C ARG D 79 -48.74 -29.62 -16.65
N THR D 80 -47.64 -29.15 -17.21
CA THR D 80 -46.30 -29.55 -16.76
C THR D 80 -46.08 -29.32 -15.28
N LEU D 81 -46.24 -28.07 -14.84
CA LEU D 81 -46.05 -27.69 -13.44
C LEU D 81 -46.95 -28.42 -12.43
N LEU D 82 -48.02 -29.04 -12.89
CA LEU D 82 -48.90 -29.77 -11.97
C LEU D 82 -48.21 -31.09 -11.61
N GLY D 83 -47.13 -31.38 -12.32
CA GLY D 83 -46.39 -32.60 -12.07
C GLY D 83 -45.19 -32.29 -11.20
N TYR D 84 -44.43 -31.27 -11.61
CA TYR D 84 -43.25 -30.85 -10.86
C TYR D 84 -43.65 -30.63 -9.40
N TYR D 85 -44.84 -30.06 -9.18
CA TYR D 85 -45.34 -29.77 -7.84
C TYR D 85 -46.36 -30.80 -7.37
N ASN D 86 -46.83 -31.62 -8.32
CA ASN D 86 -47.82 -32.62 -7.97
C ASN D 86 -49.07 -32.00 -7.33
N GLN D 87 -49.63 -31.02 -8.05
CA GLN D 87 -50.83 -30.29 -7.62
C GLN D 87 -52.09 -30.91 -8.31
N SER D 88 -53.18 -31.10 -7.55
CA SER D 88 -54.43 -31.69 -8.06
C SER D 88 -54.95 -31.08 -9.35
N LYS D 89 -55.99 -31.67 -9.95
CA LYS D 89 -56.54 -31.10 -11.18
C LYS D 89 -57.93 -30.52 -10.87
N GLY D 90 -57.93 -29.29 -10.36
CA GLY D 90 -59.18 -28.62 -10.01
C GLY D 90 -58.90 -27.25 -9.46
N GLY D 91 -57.71 -27.08 -8.87
CA GLY D 91 -57.33 -25.80 -8.30
C GLY D 91 -56.58 -25.01 -9.35
N SER D 92 -57.10 -23.85 -9.72
CA SER D 92 -56.48 -23.00 -10.74
C SER D 92 -55.07 -22.56 -10.33
N HIS D 93 -54.25 -22.26 -11.34
CA HIS D 93 -52.87 -21.82 -11.11
C HIS D 93 -52.47 -20.74 -12.11
N THR D 94 -51.61 -19.83 -11.67
CA THR D 94 -51.15 -18.74 -12.48
C THR D 94 -49.64 -18.65 -12.66
N ILE D 95 -49.20 -18.68 -13.91
CA ILE D 95 -47.79 -18.57 -14.22
C ILE D 95 -47.63 -17.33 -15.11
N GLN D 96 -47.21 -16.21 -14.52
CA GLN D 96 -47.01 -14.96 -15.26
C GLN D 96 -45.51 -14.65 -15.48
N VAL D 97 -45.17 -14.03 -16.62
CA VAL D 97 -43.79 -13.66 -16.98
C VAL D 97 -43.65 -12.18 -17.30
N ILE D 98 -42.47 -11.64 -16.99
CA ILE D 98 -42.16 -10.23 -17.25
C ILE D 98 -40.89 -10.18 -18.09
N SER D 99 -40.98 -10.56 -19.36
CA SER D 99 -39.82 -10.53 -20.26
C SER D 99 -39.66 -9.11 -20.80
N GLY D 100 -38.42 -8.71 -21.06
CA GLY D 100 -38.21 -7.37 -21.57
C GLY D 100 -36.76 -6.94 -21.59
N CYS D 101 -36.51 -5.80 -22.23
CA CYS D 101 -35.16 -5.27 -22.34
C CYS D 101 -35.18 -3.77 -22.08
N GLU D 102 -34.29 -3.33 -21.19
CA GLU D 102 -34.17 -1.91 -20.86
C GLU D 102 -33.01 -1.29 -21.66
N VAL D 103 -33.30 -0.84 -22.88
CA VAL D 103 -32.32 -0.20 -23.77
C VAL D 103 -32.10 1.23 -23.28
N GLY D 104 -30.97 1.46 -22.64
CA GLY D 104 -30.65 2.77 -22.11
C GLY D 104 -30.10 3.75 -23.11
N SER D 105 -29.41 4.75 -22.56
CA SER D 105 -28.78 5.83 -23.29
C SER D 105 -28.23 5.42 -24.63
N ASP D 106 -28.73 6.15 -25.61
CA ASP D 106 -28.40 6.04 -27.02
C ASP D 106 -27.06 5.38 -27.23
N GLY D 107 -27.08 4.35 -28.06
CA GLY D 107 -25.88 3.61 -28.36
C GLY D 107 -25.58 2.66 -27.23
N ARG D 108 -26.61 1.95 -26.80
CA ARG D 108 -26.50 0.99 -25.72
C ARG D 108 -27.69 0.07 -25.71
N LEU D 109 -27.50 -1.08 -25.08
CA LEU D 109 -28.53 -2.07 -24.96
C LEU D 109 -28.52 -2.46 -23.46
N LEU D 110 -28.40 -1.42 -22.63
CA LEU D 110 -28.35 -1.47 -21.16
C LEU D 110 -28.54 -2.83 -20.50
N ARG D 111 -29.69 -3.10 -19.91
CA ARG D 111 -29.83 -4.42 -19.31
C ARG D 111 -31.01 -5.14 -19.91
N GLY D 112 -31.02 -6.46 -19.74
CA GLY D 112 -32.09 -7.28 -20.26
C GLY D 112 -32.47 -8.25 -19.15
N TYR D 113 -33.65 -8.86 -19.29
CA TYR D 113 -34.13 -9.79 -18.28
C TYR D 113 -35.36 -10.59 -18.72
N GLN D 114 -35.81 -11.47 -17.83
CA GLN D 114 -36.97 -12.29 -18.08
C GLN D 114 -37.34 -13.02 -16.80
N GLN D 115 -38.39 -12.56 -16.11
CA GLN D 115 -38.85 -13.16 -14.86
C GLN D 115 -40.07 -14.06 -15.04
N TYR D 116 -40.07 -15.20 -14.36
CA TYR D 116 -41.17 -16.14 -14.42
C TYR D 116 -41.75 -16.26 -13.03
N ALA D 117 -43.05 -16.55 -12.94
CA ALA D 117 -43.71 -16.68 -11.64
C ALA D 117 -44.84 -17.68 -11.70
N TYR D 118 -44.98 -18.44 -10.61
CA TYR D 118 -46.02 -19.46 -10.51
C TYR D 118 -46.89 -19.18 -9.31
N ASP D 119 -48.10 -18.74 -9.56
CA ASP D 119 -49.01 -18.43 -8.47
C ASP D 119 -48.50 -17.30 -7.55
N GLY D 120 -47.94 -16.26 -8.16
CA GLY D 120 -47.45 -15.13 -7.38
C GLY D 120 -45.97 -15.13 -7.03
N CYS D 121 -45.45 -16.28 -6.61
CA CYS D 121 -44.06 -16.37 -6.24
C CYS D 121 -43.17 -16.47 -7.45
N ASP D 122 -41.87 -16.35 -7.23
CA ASP D 122 -40.89 -16.43 -8.31
C ASP D 122 -40.68 -17.89 -8.68
N TYR D 123 -40.43 -18.14 -9.96
CA TYR D 123 -40.20 -19.51 -10.43
C TYR D 123 -38.76 -19.61 -10.97
N ILE D 124 -38.48 -18.86 -12.03
CA ILE D 124 -37.15 -18.85 -12.60
C ILE D 124 -36.92 -17.50 -13.25
N ALA D 125 -35.66 -17.11 -13.41
CA ALA D 125 -35.35 -15.84 -14.03
C ALA D 125 -33.95 -15.85 -14.67
N LEU D 126 -33.77 -14.97 -15.65
CA LEU D 126 -32.51 -14.87 -16.35
C LEU D 126 -31.56 -14.02 -15.52
N ASN D 127 -30.26 -14.23 -15.69
CA ASN D 127 -29.27 -13.47 -14.93
C ASN D 127 -28.77 -12.24 -15.70
N GLU D 128 -28.19 -11.30 -14.97
CA GLU D 128 -27.67 -10.07 -15.56
C GLU D 128 -26.66 -10.45 -16.64
N ASP D 129 -26.06 -11.63 -16.51
CA ASP D 129 -25.06 -12.09 -17.47
C ASP D 129 -25.73 -12.52 -18.74
N LEU D 130 -27.04 -12.69 -18.67
CA LEU D 130 -27.84 -13.09 -19.81
C LEU D 130 -27.36 -14.45 -20.34
N LYS D 131 -26.83 -15.28 -19.45
CA LYS D 131 -26.34 -16.59 -19.86
C LYS D 131 -26.78 -17.72 -18.94
N THR D 132 -26.81 -17.46 -17.65
CA THR D 132 -27.20 -18.47 -16.67
C THR D 132 -28.59 -18.20 -16.10
N TRP D 133 -29.26 -19.26 -15.66
CA TRP D 133 -30.60 -19.16 -15.10
C TRP D 133 -30.58 -19.22 -13.57
N THR D 134 -31.66 -18.78 -12.93
CA THR D 134 -31.75 -18.81 -11.47
C THR D 134 -33.09 -19.42 -11.04
N ALA D 135 -33.04 -20.66 -10.56
CA ALA D 135 -34.24 -21.34 -10.11
C ALA D 135 -34.58 -20.93 -8.66
N ALA D 136 -35.80 -21.20 -8.25
CA ALA D 136 -36.25 -20.85 -6.91
C ALA D 136 -36.58 -22.09 -6.08
N ASP D 137 -36.68 -23.25 -6.72
CA ASP D 137 -36.98 -24.48 -6.00
C ASP D 137 -36.67 -25.72 -6.83
N MET D 138 -37.01 -26.88 -6.29
CA MET D 138 -36.78 -28.15 -6.97
C MET D 138 -37.37 -28.13 -8.38
N ALA D 139 -38.60 -27.63 -8.50
CA ALA D 139 -39.27 -27.56 -9.79
C ALA D 139 -38.48 -26.72 -10.79
N ALA D 140 -38.17 -25.49 -10.40
CA ALA D 140 -37.43 -24.58 -11.26
C ALA D 140 -36.11 -25.20 -11.74
N LEU D 141 -35.53 -26.08 -10.93
CA LEU D 141 -34.27 -26.72 -11.26
C LEU D 141 -34.42 -27.66 -12.45
N ILE D 142 -35.61 -28.21 -12.61
CA ILE D 142 -35.90 -29.10 -13.72
C ILE D 142 -35.92 -28.26 -14.98
N THR D 143 -36.52 -27.08 -14.87
CA THR D 143 -36.63 -26.14 -15.96
C THR D 143 -35.24 -25.67 -16.33
N LYS D 144 -34.48 -25.26 -15.34
CA LYS D 144 -33.11 -24.78 -15.54
C LYS D 144 -32.34 -25.71 -16.49
N HIS D 145 -32.45 -27.00 -16.25
CA HIS D 145 -31.77 -27.98 -17.09
C HIS D 145 -32.32 -27.84 -18.52
N LYS D 146 -33.63 -28.08 -18.65
CA LYS D 146 -34.31 -28.00 -19.93
C LYS D 146 -33.79 -26.86 -20.79
N TRP D 147 -33.82 -25.65 -20.25
CA TRP D 147 -33.37 -24.48 -20.99
C TRP D 147 -31.87 -24.46 -21.23
N GLU D 148 -31.11 -24.85 -20.22
CA GLU D 148 -29.66 -24.87 -20.35
C GLU D 148 -29.31 -25.94 -21.35
N GLN D 149 -29.93 -27.11 -21.19
CA GLN D 149 -29.70 -28.24 -22.07
C GLN D 149 -30.55 -28.10 -23.35
N ALA D 150 -30.51 -26.91 -23.94
CA ALA D 150 -31.25 -26.60 -25.16
C ALA D 150 -30.68 -25.39 -25.89
N GLY D 151 -29.90 -24.58 -25.17
CA GLY D 151 -29.31 -23.38 -25.74
C GLY D 151 -30.35 -22.28 -25.80
N GLU D 152 -31.43 -22.46 -25.04
CA GLU D 152 -32.55 -21.51 -24.98
C GLU D 152 -32.10 -20.17 -24.41
N ALA D 153 -31.23 -20.24 -23.40
CA ALA D 153 -30.73 -19.04 -22.77
C ALA D 153 -29.93 -18.20 -23.76
N GLU D 154 -29.50 -18.83 -24.84
CA GLU D 154 -28.71 -18.15 -25.85
C GLU D 154 -29.56 -17.32 -26.80
N ARG D 155 -30.68 -17.88 -27.24
CA ARG D 155 -31.59 -17.21 -28.16
C ARG D 155 -32.43 -16.16 -27.44
N LEU D 156 -32.66 -16.36 -26.15
CA LEU D 156 -33.44 -15.41 -25.37
C LEU D 156 -32.62 -14.12 -25.26
N ARG D 157 -31.30 -14.28 -25.28
CA ARG D 157 -30.38 -13.15 -25.18
C ARG D 157 -30.34 -12.38 -26.50
N ALA D 158 -30.39 -13.11 -27.61
CA ALA D 158 -30.36 -12.49 -28.94
C ALA D 158 -31.62 -11.68 -29.16
N TYR D 159 -32.73 -12.20 -28.63
CA TYR D 159 -34.02 -11.53 -28.73
C TYR D 159 -33.92 -10.25 -27.93
N LEU D 160 -33.48 -10.36 -26.68
CA LEU D 160 -33.34 -9.20 -25.82
C LEU D 160 -32.36 -8.23 -26.44
N GLU D 161 -31.21 -8.74 -26.89
CA GLU D 161 -30.19 -7.89 -27.48
C GLU D 161 -30.55 -7.41 -28.88
N GLY D 162 -30.84 -8.34 -29.76
CA GLY D 162 -31.17 -7.98 -31.13
C GLY D 162 -32.56 -7.46 -31.36
N THR D 163 -33.50 -8.38 -31.58
CA THR D 163 -34.90 -8.06 -31.84
C THR D 163 -35.53 -7.02 -30.92
N CYS D 164 -35.39 -7.21 -29.63
CA CYS D 164 -35.96 -6.29 -28.65
C CYS D 164 -35.56 -4.81 -28.80
N VAL D 165 -34.27 -4.53 -29.02
CA VAL D 165 -33.81 -3.15 -29.17
C VAL D 165 -34.12 -2.59 -30.56
N GLU D 166 -34.06 -3.47 -31.55
CA GLU D 166 -34.33 -3.09 -32.92
C GLU D 166 -35.75 -2.53 -33.06
N TRP D 167 -36.70 -3.18 -32.38
CA TRP D 167 -38.10 -2.78 -32.43
C TRP D 167 -38.43 -1.68 -31.46
N LEU D 168 -37.83 -1.72 -30.29
CA LEU D 168 -38.11 -0.68 -29.29
C LEU D 168 -37.85 0.68 -29.91
N ARG D 169 -36.80 0.75 -30.73
CA ARG D 169 -36.45 2.00 -31.39
C ARG D 169 -37.58 2.40 -32.28
N ARG D 170 -38.07 1.45 -33.05
CA ARG D 170 -39.18 1.72 -33.97
C ARG D 170 -40.38 2.31 -33.26
N TYR D 171 -40.82 1.66 -32.18
CA TYR D 171 -41.97 2.14 -31.43
C TYR D 171 -41.72 3.53 -30.85
N LEU D 172 -40.49 3.77 -30.40
CA LEU D 172 -40.12 5.06 -29.82
C LEU D 172 -40.22 6.15 -30.87
N LYS D 173 -39.67 5.87 -32.04
CA LYS D 173 -39.71 6.85 -33.10
C LYS D 173 -41.16 7.18 -33.44
N ASN D 174 -41.98 6.14 -33.53
CA ASN D 174 -43.40 6.29 -33.86
C ASN D 174 -44.29 6.82 -32.75
N GLY D 175 -43.85 6.73 -31.52
CA GLY D 175 -44.65 7.21 -30.40
C GLY D 175 -44.14 8.42 -29.66
N ASN D 176 -43.16 9.10 -30.22
CA ASN D 176 -42.61 10.28 -29.57
C ASN D 176 -43.72 11.24 -29.16
N ALA D 177 -44.54 11.63 -30.14
CA ALA D 177 -45.63 12.55 -29.94
C ALA D 177 -46.62 12.15 -28.86
N THR D 178 -46.64 10.87 -28.52
CA THR D 178 -47.55 10.37 -27.50
C THR D 178 -46.81 10.14 -26.19
N LEU D 179 -45.68 9.45 -26.29
CA LEU D 179 -44.86 9.13 -25.14
C LEU D 179 -44.32 10.38 -24.48
N LEU D 180 -43.74 11.26 -25.30
CA LEU D 180 -43.16 12.51 -24.84
C LEU D 180 -44.25 13.51 -24.45
N ARG D 181 -45.03 13.18 -23.43
CA ARG D 181 -46.11 14.06 -22.98
C ARG D 181 -46.18 14.27 -21.47
N THR D 182 -46.77 15.39 -21.08
CA THR D 182 -46.91 15.73 -19.66
C THR D 182 -48.08 16.67 -19.40
N ASP D 183 -48.81 16.41 -18.32
CA ASP D 183 -49.95 17.21 -17.91
C ASP D 183 -49.73 17.65 -16.45
N SER D 184 -49.33 18.90 -16.25
CA SER D 184 -49.09 19.36 -14.89
C SER D 184 -50.35 19.11 -14.07
N PRO D 185 -50.18 18.74 -12.80
CA PRO D 185 -51.28 18.46 -11.86
C PRO D 185 -52.02 19.72 -11.40
N LYS D 186 -53.27 19.54 -10.97
CA LYS D 186 -54.08 20.65 -10.48
C LYS D 186 -54.27 20.38 -9.00
N ALA D 187 -53.48 21.04 -8.16
CA ALA D 187 -53.54 20.83 -6.73
C ALA D 187 -54.34 21.86 -5.95
N HIS D 188 -54.86 21.41 -4.81
CA HIS D 188 -55.65 22.24 -3.93
C HIS D 188 -55.82 21.53 -2.62
N VAL D 189 -55.86 22.27 -1.53
CA VAL D 189 -55.99 21.68 -0.21
C VAL D 189 -57.37 21.86 0.39
N THR D 190 -57.94 20.78 0.95
CA THR D 190 -59.26 20.86 1.58
C THR D 190 -59.16 20.76 3.12
N HIS D 191 -60.15 21.35 3.80
CA HIS D 191 -60.21 21.36 5.27
C HIS D 191 -61.25 20.37 5.82
N HIS D 192 -60.85 19.59 6.81
CA HIS D 192 -61.73 18.58 7.41
C HIS D 192 -61.55 18.48 8.91
N SER D 193 -62.48 19.04 9.67
CA SER D 193 -62.38 19.01 11.13
C SER D 193 -62.26 17.60 11.74
N ARG D 194 -61.82 17.55 12.99
CA ARG D 194 -61.66 16.29 13.69
C ARG D 194 -61.82 16.54 15.19
N PRO D 195 -61.98 15.48 15.95
CA PRO D 195 -62.14 15.63 17.40
C PRO D 195 -60.88 16.20 18.06
N GLU D 196 -61.04 16.70 19.27
CA GLU D 196 -59.91 17.25 20.03
C GLU D 196 -59.24 18.47 19.41
N ASP D 197 -60.02 19.31 18.74
CA ASP D 197 -59.51 20.53 18.12
C ASP D 197 -58.43 20.28 17.06
N LYS D 198 -58.62 19.26 16.24
CA LYS D 198 -57.65 18.97 15.21
C LYS D 198 -58.34 19.03 13.85
N VAL D 199 -57.57 19.18 12.79
CA VAL D 199 -58.14 19.24 11.45
C VAL D 199 -57.27 18.54 10.42
N THR D 200 -57.92 17.84 9.48
CA THR D 200 -57.22 17.14 8.45
C THR D 200 -57.01 18.11 7.26
N LEU D 201 -55.82 18.08 6.68
CA LEU D 201 -55.53 18.94 5.55
C LEU D 201 -55.17 18.03 4.37
N ARG D 202 -56.07 17.96 3.41
CA ARG D 202 -55.88 17.12 2.23
C ARG D 202 -55.31 17.90 1.04
N CYS D 203 -54.17 17.45 0.55
CA CYS D 203 -53.51 18.06 -0.57
C CYS D 203 -53.88 17.24 -1.80
N TRP D 204 -54.83 17.72 -2.59
CA TRP D 204 -55.26 16.98 -3.77
C TRP D 204 -54.45 17.30 -5.01
N ALA D 205 -54.23 16.28 -5.83
CA ALA D 205 -53.48 16.45 -7.06
C ALA D 205 -54.32 15.73 -8.08
N LEU D 206 -54.85 16.45 -9.06
CA LEU D 206 -55.70 15.81 -10.05
C LEU D 206 -55.21 15.96 -11.46
N GLY D 207 -55.84 15.18 -12.35
CA GLY D 207 -55.53 15.18 -13.78
C GLY D 207 -54.12 15.48 -14.21
N PHE D 208 -53.16 14.68 -13.75
CA PHE D 208 -51.76 14.90 -14.13
C PHE D 208 -51.21 13.69 -14.88
N TYR D 209 -50.08 13.91 -15.57
CA TYR D 209 -49.40 12.87 -16.35
C TYR D 209 -47.97 13.33 -16.60
N PRO D 210 -46.97 12.43 -16.49
CA PRO D 210 -47.09 11.01 -16.12
C PRO D 210 -47.69 10.76 -14.74
N ALA D 211 -47.79 9.48 -14.39
CA ALA D 211 -48.34 9.08 -13.09
C ALA D 211 -47.43 9.41 -11.90
N ASP D 212 -46.13 9.41 -12.11
CA ASP D 212 -45.19 9.70 -11.04
C ASP D 212 -45.38 11.10 -10.53
N ILE D 213 -45.46 11.22 -9.20
CA ILE D 213 -45.67 12.52 -8.55
C ILE D 213 -45.35 12.35 -7.07
N THR D 214 -45.05 13.46 -6.39
CA THR D 214 -44.74 13.41 -4.97
C THR D 214 -45.42 14.56 -4.23
N LEU D 215 -46.09 14.22 -3.13
CA LEU D 215 -46.81 15.21 -2.30
C LEU D 215 -46.23 15.13 -0.89
N THR D 216 -45.63 16.21 -0.42
CA THR D 216 -45.03 16.22 0.91
C THR D 216 -45.46 17.41 1.75
N TRP D 217 -46.19 17.12 2.83
CA TRP D 217 -46.67 18.15 3.74
C TRP D 217 -45.48 18.56 4.63
N GLN D 218 -45.26 19.86 4.77
CA GLN D 218 -44.15 20.32 5.59
C GLN D 218 -44.58 21.21 6.73
N LEU D 219 -43.70 21.32 7.71
CA LEU D 219 -43.94 22.11 8.91
C LEU D 219 -42.65 22.83 9.28
N ASN D 220 -42.56 24.10 8.87
CA ASN D 220 -41.39 24.91 9.17
C ASN D 220 -40.14 24.38 8.47
N GLY D 221 -40.30 23.92 7.23
CA GLY D 221 -39.18 23.41 6.48
C GLY D 221 -38.91 21.94 6.64
N GLU D 222 -39.66 21.27 7.51
CA GLU D 222 -39.49 19.83 7.75
C GLU D 222 -40.54 18.98 6.99
N GLU D 223 -40.11 17.87 6.39
CA GLU D 223 -41.01 16.96 5.65
C GLU D 223 -41.63 15.95 6.65
N LEU D 224 -42.93 16.07 6.95
CA LEU D 224 -43.68 15.21 7.87
C LEU D 224 -43.95 13.83 7.26
N ILE D 225 -42.88 13.07 7.01
CA ILE D 225 -42.96 11.74 6.39
C ILE D 225 -43.82 10.71 7.11
N GLN D 226 -43.65 10.55 8.42
CA GLN D 226 -44.45 9.57 9.18
C GLN D 226 -45.88 9.96 9.52
N ASP D 227 -46.08 11.24 9.83
CA ASP D 227 -47.39 11.76 10.19
C ASP D 227 -48.40 11.94 9.07
N MET D 228 -47.92 12.05 7.85
CA MET D 228 -48.84 12.21 6.75
C MET D 228 -49.23 10.86 6.18
N GLU D 229 -50.42 10.79 5.60
CA GLU D 229 -50.93 9.57 5.02
C GLU D 229 -51.48 9.86 3.64
N LEU D 230 -51.08 9.06 2.66
CA LEU D 230 -51.54 9.25 1.30
C LEU D 230 -51.97 7.93 0.66
N VAL D 231 -52.77 8.03 -0.39
CA VAL D 231 -53.28 6.88 -1.12
C VAL D 231 -52.40 6.57 -2.35
N GLU D 232 -52.63 5.41 -2.94
CA GLU D 232 -51.87 5.01 -4.12
C GLU D 232 -52.35 5.83 -5.30
N THR D 233 -51.44 6.19 -6.18
CA THR D 233 -51.77 6.97 -7.37
C THR D 233 -52.75 6.20 -8.23
N ARG D 234 -53.96 6.70 -8.34
CA ARG D 234 -54.98 6.02 -9.14
C ARG D 234 -55.41 6.77 -10.39
N PRO D 235 -55.81 6.03 -11.43
CA PRO D 235 -56.28 6.52 -12.73
C PRO D 235 -57.62 7.22 -12.61
N ALA D 236 -57.86 8.19 -13.49
CA ALA D 236 -59.13 8.89 -13.47
C ALA D 236 -60.05 8.21 -14.47
N GLY D 237 -59.45 7.38 -15.31
CA GLY D 237 -60.19 6.63 -16.31
C GLY D 237 -60.24 7.30 -17.66
N ASP D 238 -59.47 8.37 -17.80
CA ASP D 238 -59.42 9.12 -19.04
C ASP D 238 -57.99 9.41 -19.48
N GLY D 239 -57.06 8.59 -19.01
CA GLY D 239 -55.67 8.81 -19.39
C GLY D 239 -54.82 9.50 -18.36
N THR D 240 -55.45 10.27 -17.48
CA THR D 240 -54.74 10.99 -16.42
C THR D 240 -54.86 10.33 -15.04
N PHE D 241 -54.02 10.79 -14.11
CA PHE D 241 -54.03 10.24 -12.77
C PHE D 241 -54.26 11.29 -11.68
N GLN D 242 -54.71 10.82 -10.52
CA GLN D 242 -54.96 11.69 -9.39
C GLN D 242 -54.33 11.08 -8.12
N LYS D 243 -54.24 11.89 -7.07
CA LYS D 243 -53.67 11.46 -5.80
C LYS D 243 -53.81 12.56 -4.74
N TRP D 244 -53.67 12.18 -3.47
CA TRP D 244 -53.76 13.14 -2.38
C TRP D 244 -52.99 12.73 -1.16
N ALA D 245 -52.48 13.71 -0.45
CA ALA D 245 -51.72 13.48 0.77
C ALA D 245 -52.31 14.39 1.83
N SER D 246 -52.62 13.84 2.99
CA SER D 246 -53.20 14.62 4.06
C SER D 246 -52.35 14.51 5.31
N VAL D 247 -52.59 15.43 6.24
CA VAL D 247 -51.83 15.45 7.47
C VAL D 247 -52.70 16.13 8.50
N VAL D 248 -52.80 15.56 9.70
CA VAL D 248 -53.61 16.15 10.75
C VAL D 248 -52.83 17.28 11.43
N VAL D 249 -53.45 18.45 11.52
CA VAL D 249 -52.84 19.61 12.13
C VAL D 249 -53.75 20.19 13.21
N PRO D 250 -53.17 20.91 14.17
CA PRO D 250 -54.00 21.50 15.23
C PRO D 250 -54.80 22.67 14.68
N LEU D 251 -56.07 22.73 15.04
CA LEU D 251 -56.93 23.81 14.57
C LEU D 251 -56.32 25.14 15.00
N GLY D 252 -56.13 26.04 14.05
CA GLY D 252 -55.55 27.35 14.34
C GLY D 252 -54.18 27.58 13.70
N LYS D 253 -53.43 26.51 13.48
CA LYS D 253 -52.10 26.62 12.88
C LYS D 253 -52.03 25.94 11.53
N GLU D 254 -53.13 25.98 10.78
CA GLU D 254 -53.20 25.36 9.46
C GLU D 254 -52.33 26.07 8.43
N GLN D 255 -52.02 27.32 8.72
CA GLN D 255 -51.21 28.16 7.85
C GLN D 255 -49.71 27.86 7.94
N TYR D 256 -49.30 27.14 8.99
CA TYR D 256 -47.89 26.78 9.19
C TYR D 256 -47.53 25.56 8.36
N TYR D 257 -48.55 24.86 7.90
CA TYR D 257 -48.35 23.67 7.10
C TYR D 257 -48.51 23.96 5.61
N THR D 258 -47.53 23.50 4.83
CA THR D 258 -47.55 23.68 3.39
C THR D 258 -47.25 22.35 2.69
N CYS D 259 -47.95 22.06 1.61
CA CYS D 259 -47.73 20.82 0.86
C CYS D 259 -47.03 21.10 -0.47
N HIS D 260 -45.88 20.45 -0.66
CA HIS D 260 -45.10 20.63 -1.86
C HIS D 260 -45.35 19.54 -2.87
N VAL D 261 -45.91 19.91 -4.01
CA VAL D 261 -46.22 18.96 -5.06
C VAL D 261 -45.11 18.88 -6.11
N TYR D 262 -44.51 17.71 -6.23
CA TYR D 262 -43.43 17.51 -7.19
C TYR D 262 -43.90 16.69 -8.39
N HIS D 263 -43.84 17.29 -9.57
CA HIS D 263 -44.25 16.61 -10.79
C HIS D 263 -43.34 16.96 -11.96
N GLN D 264 -43.25 16.06 -12.92
CA GLN D 264 -42.42 16.26 -14.10
C GLN D 264 -42.87 17.50 -14.85
N GLY D 265 -44.14 17.84 -14.69
CA GLY D 265 -44.69 19.00 -15.36
C GLY D 265 -44.69 20.18 -14.42
N LEU D 266 -43.63 20.30 -13.64
CA LEU D 266 -43.47 21.40 -12.68
C LEU D 266 -42.00 21.71 -12.46
N PRO D 267 -41.39 22.44 -13.39
CA PRO D 267 -39.97 22.81 -13.27
C PRO D 267 -39.67 23.36 -11.87
N GLU D 268 -40.71 23.88 -11.22
CA GLU D 268 -40.61 24.44 -9.87
C GLU D 268 -41.82 23.83 -9.21
N PRO D 269 -41.61 23.11 -8.09
CA PRO D 269 -42.66 22.44 -7.31
C PRO D 269 -43.69 23.34 -6.68
N LEU D 270 -44.96 23.01 -6.89
CA LEU D 270 -46.03 23.80 -6.31
C LEU D 270 -45.83 23.68 -4.81
N THR D 271 -46.27 24.69 -4.07
CA THR D 271 -46.14 24.66 -2.63
C THR D 271 -47.44 25.18 -2.00
N LEU D 272 -48.52 24.46 -2.24
CA LEU D 272 -49.83 24.82 -1.71
C LEU D 272 -49.86 24.98 -0.21
N ARG D 273 -50.98 25.48 0.29
CA ARG D 273 -51.23 25.70 1.71
C ARG D 273 -52.70 26.05 1.78
N TRP D 274 -53.39 25.62 2.83
CA TRP D 274 -54.81 25.92 2.94
C TRP D 274 -55.08 27.40 3.29
N ILE E 1 -49.63 -16.49 -1.39
CA ILE E 1 -49.43 -15.80 -2.69
C ILE E 1 -50.77 -15.90 -3.32
N GLN E 2 -51.56 -15.10 -2.62
CA GLN E 2 -52.95 -14.81 -2.77
C GLN E 2 -53.02 -13.51 -1.96
N LYS E 3 -52.86 -12.37 -2.60
CA LYS E 3 -52.93 -11.11 -1.88
C LYS E 3 -54.38 -10.69 -1.88
N THR E 4 -54.76 -9.89 -0.89
CA THR E 4 -56.13 -9.41 -0.77
C THR E 4 -56.28 -8.04 -1.42
N PRO E 5 -57.38 -7.85 -2.16
CA PRO E 5 -57.76 -6.63 -2.89
C PRO E 5 -57.69 -5.32 -2.08
N GLN E 6 -57.23 -4.25 -2.71
CA GLN E 6 -57.11 -2.90 -2.13
C GLN E 6 -58.04 -1.98 -2.95
N ILE E 7 -59.34 -2.05 -2.69
CA ILE E 7 -60.36 -1.25 -3.36
C ILE E 7 -60.27 0.24 -3.07
N GLN E 8 -60.65 1.07 -4.04
CA GLN E 8 -60.64 2.53 -3.92
C GLN E 8 -61.70 3.13 -4.86
N VAL E 9 -62.78 3.67 -4.28
CA VAL E 9 -63.88 4.27 -5.02
C VAL E 9 -63.78 5.78 -5.05
N TYR E 10 -63.88 6.37 -6.24
CA TYR E 10 -63.77 7.81 -6.41
C TYR E 10 -64.34 8.26 -7.74
N SER E 11 -64.57 9.56 -7.88
CA SER E 11 -65.13 10.09 -9.12
C SER E 11 -64.04 10.66 -10.04
N ARG E 12 -64.28 10.58 -11.35
CA ARG E 12 -63.33 11.08 -12.33
C ARG E 12 -63.01 12.54 -12.06
N HIS E 13 -64.05 13.37 -12.13
CA HIS E 13 -63.91 14.82 -11.91
C HIS E 13 -64.46 15.18 -10.54
N PRO E 14 -64.14 16.40 -10.07
CA PRO E 14 -64.63 16.85 -8.76
C PRO E 14 -66.12 16.67 -8.64
N PRO E 15 -66.57 15.93 -7.61
CA PRO E 15 -68.00 15.68 -7.40
C PRO E 15 -68.82 16.96 -7.28
N GLU E 16 -70.01 16.94 -7.88
CA GLU E 16 -70.89 18.09 -7.84
C GLU E 16 -72.31 17.59 -7.98
N ASN E 17 -73.08 17.74 -6.92
CA ASN E 17 -74.46 17.29 -6.93
C ASN E 17 -75.22 17.77 -8.16
N GLY E 18 -75.97 16.85 -8.77
CA GLY E 18 -76.76 17.21 -9.95
C GLY E 18 -75.94 17.29 -11.21
N LYS E 19 -74.66 16.97 -11.10
CA LYS E 19 -73.77 17.01 -12.24
C LYS E 19 -73.28 15.62 -12.60
N PRO E 20 -73.63 15.13 -13.80
CA PRO E 20 -73.20 13.81 -14.27
C PRO E 20 -71.68 13.66 -14.27
N ASN E 21 -71.22 12.63 -13.58
CA ASN E 21 -69.81 12.32 -13.46
C ASN E 21 -69.59 10.81 -13.68
N ILE E 22 -68.35 10.35 -13.54
CA ILE E 22 -68.04 8.94 -13.71
C ILE E 22 -67.35 8.40 -12.48
N LEU E 23 -67.96 7.37 -11.87
CA LEU E 23 -67.41 6.74 -10.67
C LEU E 23 -66.46 5.60 -11.06
N ASN E 24 -65.22 5.70 -10.59
CA ASN E 24 -64.20 4.69 -10.86
C ASN E 24 -64.02 3.82 -9.57
N CYS E 25 -63.84 2.51 -9.73
CA CYS E 25 -63.60 1.61 -8.61
C CYS E 25 -62.28 0.94 -8.99
N TYR E 26 -61.21 1.40 -8.37
CA TYR E 26 -59.86 0.88 -8.63
C TYR E 26 -59.41 -0.20 -7.65
N VAL E 27 -59.41 -1.45 -8.11
CA VAL E 27 -58.97 -2.58 -7.29
C VAL E 27 -57.53 -2.98 -7.63
N THR E 28 -56.68 -3.05 -6.60
CA THR E 28 -55.28 -3.40 -6.81
C THR E 28 -54.81 -4.41 -5.78
N GLN E 29 -53.54 -4.80 -5.89
CA GLN E 29 -52.93 -5.75 -4.97
C GLN E 29 -53.72 -7.04 -4.75
N PHE E 30 -54.16 -7.69 -5.83
CA PHE E 30 -54.89 -8.94 -5.65
C PHE E 30 -54.34 -10.06 -6.52
N HIS E 31 -54.37 -11.28 -5.97
CA HIS E 31 -53.91 -12.48 -6.64
C HIS E 31 -54.71 -13.64 -6.08
N PRO E 32 -55.17 -14.58 -6.92
CA PRO E 32 -55.00 -14.63 -8.38
C PRO E 32 -55.84 -13.60 -9.11
N PRO E 33 -55.77 -13.62 -10.46
CA PRO E 33 -56.51 -12.70 -11.33
C PRO E 33 -58.02 -12.86 -11.27
N HIS E 34 -58.47 -13.95 -10.64
CA HIS E 34 -59.89 -14.22 -10.51
C HIS E 34 -60.52 -13.31 -9.52
N ILE E 35 -61.19 -12.28 -10.01
CA ILE E 35 -61.86 -11.32 -9.15
C ILE E 35 -63.29 -11.05 -9.65
N GLU E 36 -64.14 -10.61 -8.73
CA GLU E 36 -65.54 -10.31 -9.04
C GLU E 36 -65.85 -8.90 -8.51
N ILE E 37 -66.05 -7.95 -9.42
CA ILE E 37 -66.35 -6.56 -9.04
C ILE E 37 -67.77 -6.11 -9.39
N GLN E 38 -68.44 -5.49 -8.40
CA GLN E 38 -69.81 -5.00 -8.57
C GLN E 38 -69.97 -3.58 -8.03
N MET E 39 -70.78 -2.77 -8.69
CA MET E 39 -71.00 -1.40 -8.26
C MET E 39 -72.48 -1.18 -7.98
N LEU E 40 -72.79 -0.80 -6.75
CA LEU E 40 -74.17 -0.58 -6.35
C LEU E 40 -74.54 0.86 -5.99
N LYS E 41 -75.74 1.25 -6.40
CA LYS E 41 -76.25 2.58 -6.12
C LYS E 41 -77.42 2.35 -5.17
N ASN E 42 -77.20 2.62 -3.90
CA ASN E 42 -78.25 2.43 -2.91
C ASN E 42 -78.53 0.95 -2.77
N GLY E 43 -77.47 0.17 -2.60
CA GLY E 43 -77.60 -1.27 -2.43
C GLY E 43 -78.06 -2.04 -3.64
N LYS E 44 -78.23 -1.37 -4.78
CA LYS E 44 -78.67 -2.04 -5.99
C LYS E 44 -77.57 -2.02 -7.05
N LYS E 45 -77.39 -3.15 -7.75
CA LYS E 45 -76.35 -3.25 -8.77
C LYS E 45 -76.57 -2.30 -9.94
N ILE E 46 -75.46 -1.76 -10.43
CA ILE E 46 -75.47 -0.83 -11.56
C ILE E 46 -75.31 -1.69 -12.80
N PRO E 47 -76.23 -1.54 -13.78
CA PRO E 47 -76.13 -2.33 -15.01
C PRO E 47 -74.95 -1.96 -15.92
N LYS E 48 -74.99 -0.77 -16.49
CA LYS E 48 -73.92 -0.35 -17.38
C LYS E 48 -72.61 -0.08 -16.66
N VAL E 49 -71.86 -1.14 -16.34
CA VAL E 49 -70.57 -1.00 -15.65
C VAL E 49 -69.42 -1.47 -16.52
N GLU E 50 -68.54 -0.55 -16.89
CA GLU E 50 -67.39 -0.85 -17.73
C GLU E 50 -66.22 -1.40 -16.94
N MET E 51 -65.55 -2.40 -17.52
CA MET E 51 -64.39 -3.03 -16.87
C MET E 51 -63.16 -2.90 -17.76
N SER E 52 -62.16 -2.19 -17.27
CA SER E 52 -60.95 -1.98 -18.04
C SER E 52 -60.20 -3.28 -18.21
N ASP E 53 -59.27 -3.29 -19.16
CA ASP E 53 -58.48 -4.48 -19.39
C ASP E 53 -57.62 -4.72 -18.19
N MET E 54 -57.60 -5.96 -17.70
CA MET E 54 -56.80 -6.28 -16.54
C MET E 54 -55.31 -6.35 -16.89
N SER E 55 -54.47 -6.10 -15.89
CA SER E 55 -53.01 -6.15 -16.05
C SER E 55 -52.36 -6.34 -14.69
N PHE E 56 -51.03 -6.40 -14.64
CA PHE E 56 -50.37 -6.56 -13.35
C PHE E 56 -49.02 -5.87 -13.26
N SER E 57 -48.57 -5.62 -12.04
CA SER E 57 -47.29 -4.95 -11.80
C SER E 57 -46.13 -5.88 -11.52
N LYS E 58 -44.94 -5.29 -11.41
CA LYS E 58 -43.71 -6.04 -11.16
C LYS E 58 -43.78 -6.93 -9.91
N ASP E 59 -44.73 -6.68 -9.02
CA ASP E 59 -44.86 -7.51 -7.83
C ASP E 59 -45.86 -8.65 -8.04
N TRP E 60 -46.12 -8.93 -9.32
CA TRP E 60 -47.01 -10.00 -9.74
C TRP E 60 -48.48 -9.82 -9.36
N SER E 61 -48.81 -8.81 -8.57
CA SER E 61 -50.21 -8.64 -8.21
C SER E 61 -50.95 -7.97 -9.36
N PHE E 62 -52.24 -8.29 -9.52
CA PHE E 62 -53.07 -7.71 -10.60
C PHE E 62 -53.77 -6.38 -10.21
N TYR E 63 -54.24 -5.60 -11.20
CA TYR E 63 -54.91 -4.35 -10.95
C TYR E 63 -55.83 -4.05 -12.16
N ILE E 64 -57.09 -3.69 -11.87
CA ILE E 64 -58.07 -3.40 -12.89
C ILE E 64 -58.96 -2.21 -12.47
N LEU E 65 -59.56 -1.52 -13.44
CA LEU E 65 -60.41 -0.37 -13.12
C LEU E 65 -61.84 -0.53 -13.59
N ALA E 66 -62.77 -0.50 -12.66
CA ALA E 66 -64.18 -0.62 -13.01
C ALA E 66 -64.78 0.76 -12.88
N HIS E 67 -65.73 1.11 -13.73
CA HIS E 67 -66.34 2.43 -13.62
C HIS E 67 -67.66 2.51 -14.36
N THR E 68 -68.53 3.41 -13.91
CA THR E 68 -69.83 3.60 -14.54
C THR E 68 -70.30 5.02 -14.33
N GLU E 69 -71.04 5.55 -15.29
CA GLU E 69 -71.55 6.92 -15.20
C GLU E 69 -72.44 7.09 -13.97
N PHE E 70 -72.50 8.30 -13.45
CA PHE E 70 -73.33 8.54 -12.29
C PHE E 70 -73.55 10.02 -11.98
N THR E 71 -74.67 10.29 -11.34
CA THR E 71 -75.01 11.64 -10.97
C THR E 71 -75.05 11.68 -9.46
N PRO E 72 -74.02 12.26 -8.85
CA PRO E 72 -73.95 12.35 -7.39
C PRO E 72 -74.98 13.29 -6.80
N THR E 73 -75.51 12.95 -5.63
CA THR E 73 -76.50 13.79 -4.95
C THR E 73 -75.99 13.94 -3.52
N GLU E 74 -76.89 14.22 -2.58
CA GLU E 74 -76.43 14.37 -1.22
C GLU E 74 -76.96 13.23 -0.36
N THR E 75 -77.85 12.42 -0.91
CA THR E 75 -78.41 11.32 -0.14
C THR E 75 -78.16 9.94 -0.71
N ASP E 76 -77.83 9.88 -2.00
CA ASP E 76 -77.58 8.60 -2.65
C ASP E 76 -76.28 7.99 -2.13
N THR E 77 -76.26 6.66 -1.99
CA THR E 77 -75.06 6.00 -1.53
C THR E 77 -74.58 5.01 -2.58
N TYR E 78 -73.31 5.15 -2.97
CA TYR E 78 -72.69 4.29 -3.96
C TYR E 78 -71.60 3.45 -3.31
N ALA E 79 -71.39 2.24 -3.80
CA ALA E 79 -70.37 1.36 -3.23
C ALA E 79 -69.76 0.43 -4.27
N CYS E 80 -68.83 -0.40 -3.84
CA CYS E 80 -68.18 -1.34 -4.74
C CYS E 80 -67.94 -2.68 -4.02
N ARG E 81 -68.72 -3.71 -4.39
CA ARG E 81 -68.56 -5.02 -3.79
C ARG E 81 -67.54 -5.82 -4.59
N VAL E 82 -66.58 -6.44 -3.89
CA VAL E 82 -65.55 -7.21 -4.55
C VAL E 82 -65.38 -8.62 -3.96
N LYS E 83 -65.42 -9.62 -4.84
CA LYS E 83 -65.28 -11.01 -4.44
C LYS E 83 -63.91 -11.57 -4.88
N HIS E 84 -63.16 -12.12 -3.92
CA HIS E 84 -61.84 -12.69 -4.18
C HIS E 84 -61.46 -13.77 -3.17
N ASP E 85 -60.90 -14.87 -3.67
CA ASP E 85 -60.50 -16.00 -2.85
C ASP E 85 -59.75 -15.68 -1.56
N SER E 86 -59.15 -14.49 -1.49
CA SER E 86 -58.40 -14.10 -0.31
C SER E 86 -59.29 -13.59 0.81
N MET E 87 -60.52 -13.25 0.48
CA MET E 87 -61.43 -12.75 1.48
C MET E 87 -62.51 -13.78 1.73
N ALA E 88 -62.77 -14.05 3.01
CA ALA E 88 -63.78 -15.02 3.41
C ALA E 88 -65.14 -14.58 2.87
N GLU E 89 -65.43 -13.29 2.99
CA GLU E 89 -66.70 -12.74 2.49
C GLU E 89 -66.37 -11.56 1.59
N PRO E 90 -67.22 -11.30 0.59
CA PRO E 90 -67.05 -10.20 -0.36
C PRO E 90 -66.98 -8.85 0.33
N LYS E 91 -65.91 -8.11 0.04
CA LYS E 91 -65.70 -6.80 0.64
C LYS E 91 -66.55 -5.76 -0.06
N THR E 92 -67.12 -4.85 0.72
CA THR E 92 -67.96 -3.79 0.18
C THR E 92 -67.46 -2.49 0.72
N VAL E 93 -67.16 -1.54 -0.16
CA VAL E 93 -66.66 -0.23 0.27
C VAL E 93 -67.54 0.85 -0.32
N TYR E 94 -67.92 1.83 0.50
CA TYR E 94 -68.78 2.92 0.04
C TYR E 94 -67.96 4.12 -0.41
N TRP E 95 -68.45 4.82 -1.42
CA TRP E 95 -67.75 5.98 -1.95
C TRP E 95 -67.71 7.13 -0.96
N ASP E 96 -66.53 7.73 -0.80
CA ASP E 96 -66.38 8.85 0.12
C ASP E 96 -66.00 10.10 -0.70
N ARG E 97 -67.00 10.94 -0.91
CA ARG E 97 -66.81 12.17 -1.66
C ARG E 97 -65.51 12.92 -1.32
N ASP E 98 -65.13 12.96 -0.04
CA ASP E 98 -63.92 13.67 0.38
C ASP E 98 -62.68 12.73 0.47
N MET E 99 -62.90 11.41 0.34
CA MET E 99 -61.88 10.35 0.38
C MET E 99 -61.24 9.96 1.75
N ARG F 1 -41.55 -6.51 -30.85
CA ARG F 1 -42.30 -7.75 -31.15
C ARG F 1 -42.32 -8.69 -29.95
N GLY F 2 -43.22 -9.66 -29.96
CA GLY F 2 -43.30 -10.59 -28.85
C GLY F 2 -42.22 -11.66 -28.93
N TYR F 3 -42.27 -12.61 -27.99
CA TYR F 3 -41.30 -13.71 -27.94
C TYR F 3 -42.01 -15.06 -27.97
N VAL F 4 -41.44 -16.00 -28.71
CA VAL F 4 -42.05 -17.32 -28.76
C VAL F 4 -41.47 -17.99 -27.52
N TYR F 5 -42.17 -17.83 -26.41
CA TYR F 5 -41.73 -18.40 -25.15
C TYR F 5 -41.52 -19.90 -25.17
N GLN F 6 -40.31 -20.30 -24.81
CA GLN F 6 -39.93 -21.71 -24.77
C GLN F 6 -40.56 -22.42 -23.59
N GLY F 7 -41.00 -23.66 -23.82
CA GLY F 7 -41.61 -24.44 -22.77
C GLY F 7 -40.72 -24.71 -21.57
N LEU F 8 -41.33 -24.86 -20.41
CA LEU F 8 -40.58 -25.12 -19.19
C LEU F 8 -40.96 -26.48 -18.58
N LYS G 1 65.03 20.24 29.58
CA LYS G 1 64.05 19.66 28.63
C LYS G 1 62.60 20.18 28.93
N PRO G 2 62.44 21.51 29.22
CA PRO G 2 61.15 22.17 29.54
C PRO G 2 60.04 22.19 28.49
N GLN G 3 58.83 22.53 28.95
CA GLN G 3 57.59 22.59 28.15
C GLN G 3 57.61 21.52 27.07
N ALA G 4 58.77 20.88 26.92
CA ALA G 4 58.93 19.82 25.95
C ALA G 4 58.03 18.67 26.36
N PRO G 5 57.19 18.21 25.43
CA PRO G 5 56.27 17.10 25.72
C PRO G 5 56.98 15.80 26.07
N GLU G 6 56.55 15.16 27.16
CA GLU G 6 57.11 13.89 27.60
C GLU G 6 56.20 13.24 28.61
N LEU G 7 56.09 11.92 28.52
CA LEU G 7 55.22 11.15 29.41
C LEU G 7 55.92 10.37 30.52
N ARG G 8 55.19 10.22 31.62
CA ARG G 8 55.66 9.49 32.79
C ARG G 8 54.78 8.26 32.90
N ILE G 9 55.39 7.12 33.22
CA ILE G 9 54.63 5.89 33.36
C ILE G 9 54.82 5.28 34.75
N PHE G 10 53.70 4.86 35.32
CA PHE G 10 53.71 4.25 36.63
C PHE G 10 52.62 3.21 36.57
N PRO G 11 52.88 2.04 37.13
CA PRO G 11 54.07 1.54 37.84
C PRO G 11 55.10 1.18 36.76
N LYS G 12 56.39 1.15 37.06
CA LYS G 12 57.35 0.84 36.00
C LYS G 12 57.70 -0.64 35.76
N LYS G 13 57.09 -1.51 36.55
CA LYS G 13 57.32 -2.94 36.41
C LYS G 13 56.35 -3.68 37.32
N MET G 14 55.72 -4.73 36.79
CA MET G 14 54.75 -5.54 37.56
C MET G 14 54.95 -7.04 37.35
N ASP G 15 55.40 -7.72 38.41
CA ASP G 15 55.66 -9.16 38.42
C ASP G 15 54.47 -9.89 39.01
N ALA G 16 53.33 -9.22 38.91
CA ALA G 16 52.07 -9.67 39.41
C ALA G 16 51.46 -10.75 38.55
N GLU G 17 50.91 -11.74 39.25
CA GLU G 17 50.30 -12.89 38.66
C GLU G 17 48.81 -12.86 38.50
N LEU G 18 48.38 -13.92 37.82
CA LEU G 18 47.01 -14.21 37.48
C LEU G 18 46.02 -13.87 38.56
N GLY G 19 45.18 -12.89 38.22
CA GLY G 19 44.13 -12.39 39.10
C GLY G 19 43.99 -10.90 39.41
N GLN G 20 45.10 -10.19 39.54
CA GLN G 20 45.12 -8.74 39.86
C GLN G 20 44.69 -7.59 38.91
N LYS G 21 44.00 -6.57 39.47
CA LYS G 21 43.57 -5.36 38.72
C LYS G 21 44.90 -4.60 38.65
N VAL G 22 45.13 -3.87 37.55
CA VAL G 22 46.39 -3.14 37.40
C VAL G 22 46.16 -1.83 36.66
N ASP G 23 46.32 -0.74 37.41
CA ASP G 23 46.14 0.63 36.95
C ASP G 23 47.46 1.21 36.48
N LEU G 24 47.55 1.49 35.18
CA LEU G 24 48.74 2.07 34.57
C LEU G 24 48.48 3.52 34.24
N VAL G 25 48.93 4.42 35.12
CA VAL G 25 48.72 5.85 34.91
C VAL G 25 49.83 6.49 34.09
N CYS G 26 49.42 7.37 33.17
CA CYS G 26 50.35 8.09 32.29
C CYS G 26 50.19 9.58 32.54
N GLU G 27 51.27 10.21 32.99
CA GLU G 27 51.27 11.64 33.26
C GLU G 27 51.88 12.40 32.09
N VAL G 28 51.03 13.04 31.30
CA VAL G 28 51.50 13.80 30.14
C VAL G 28 51.88 15.23 30.51
N LEU G 29 53.17 15.48 30.65
CA LEU G 29 53.65 16.82 30.99
C LEU G 29 54.25 17.49 29.75
N GLY G 30 53.69 18.65 29.40
CA GLY G 30 54.13 19.39 28.25
C GLY G 30 52.93 20.07 27.63
N SER G 31 52.93 20.18 26.31
CA SER G 31 51.81 20.82 25.63
C SER G 31 51.23 19.90 24.59
N VAL G 32 50.62 18.82 25.01
CA VAL G 32 50.07 17.98 24.01
C VAL G 32 48.63 18.36 23.77
N SER G 33 48.36 18.71 22.51
CA SER G 33 47.03 19.11 22.09
C SER G 33 46.17 17.90 21.75
N GLN G 34 46.83 16.81 21.38
CA GLN G 34 46.14 15.57 21.02
C GLN G 34 45.80 14.78 22.27
N GLY G 35 45.38 13.54 22.07
CA GLY G 35 45.03 12.68 23.18
C GLY G 35 46.16 11.71 23.47
N CYS G 36 45.92 10.78 24.40
CA CYS G 36 46.91 9.78 24.79
C CYS G 36 46.54 8.38 24.27
N SER G 37 47.54 7.66 23.76
CA SER G 37 47.36 6.32 23.23
C SER G 37 48.08 5.25 24.05
N TRP G 38 47.44 4.11 24.24
CA TRP G 38 48.02 3.00 25.00
C TRP G 38 48.34 1.85 24.06
N LEU G 39 49.62 1.46 24.06
CA LEU G 39 50.12 0.39 23.19
C LEU G 39 50.95 -0.64 23.98
N PHE G 40 51.03 -1.87 23.46
CA PHE G 40 51.79 -2.96 24.11
C PHE G 40 52.05 -4.14 23.16
N GLN G 41 52.84 -5.10 23.63
CA GLN G 41 53.17 -6.31 22.86
C GLN G 41 53.35 -7.53 23.80
N ASN G 42 52.64 -8.63 23.51
CA ASN G 42 52.67 -9.88 24.32
C ASN G 42 53.11 -11.14 23.58
N SER G 43 52.24 -12.15 23.63
CA SER G 43 52.43 -13.47 23.02
C SER G 43 52.93 -13.47 21.59
N SER G 44 51.99 -13.61 20.65
CA SER G 44 52.32 -13.62 19.23
C SER G 44 53.09 -12.36 18.84
N SER G 45 54.21 -12.17 19.54
CA SER G 45 55.10 -11.03 19.35
C SER G 45 56.53 -11.40 19.71
N LYS G 46 57.20 -11.99 18.74
CA LYS G 46 58.57 -12.40 18.92
C LYS G 46 59.42 -11.21 18.47
N LEU G 47 58.95 -10.47 17.48
CA LEU G 47 59.73 -9.31 17.09
C LEU G 47 58.98 -8.10 17.65
N PRO G 48 59.65 -6.97 17.77
CA PRO G 48 58.98 -5.78 18.31
C PRO G 48 57.72 -5.49 17.50
N GLN G 49 56.58 -5.91 18.00
CA GLN G 49 55.33 -5.69 17.29
C GLN G 49 54.28 -5.06 18.17
N PRO G 50 54.24 -3.73 18.22
CA PRO G 50 53.28 -2.99 19.03
C PRO G 50 51.88 -3.05 18.46
N THR G 51 50.88 -3.12 19.34
CA THR G 51 49.50 -3.17 18.89
C THR G 51 48.67 -2.15 19.64
N PHE G 52 48.07 -1.24 18.90
CA PHE G 52 47.25 -0.19 19.49
C PHE G 52 46.19 -0.75 20.43
N VAL G 53 46.06 -0.13 21.60
CA VAL G 53 45.09 -0.57 22.58
C VAL G 53 43.95 0.41 22.74
N VAL G 54 44.27 1.60 23.23
CA VAL G 54 43.24 2.62 23.43
C VAL G 54 43.76 4.00 23.18
N TYR G 55 42.85 4.90 22.84
CA TYR G 55 43.18 6.29 22.58
C TYR G 55 42.24 7.16 23.38
N MET G 56 42.82 8.08 24.12
CA MET G 56 42.04 8.97 24.93
C MET G 56 42.24 10.37 24.47
N ALA G 57 41.16 10.94 23.98
CA ALA G 57 41.19 12.30 23.50
C ALA G 57 41.48 13.17 24.72
N SER G 58 42.15 14.29 24.55
CA SER G 58 42.50 15.13 25.69
C SER G 58 41.40 16.12 26.05
N SER G 59 40.97 16.73 24.97
CA SER G 59 39.95 17.75 24.78
C SER G 59 38.55 17.47 25.19
N HIS G 60 37.98 16.45 24.61
CA HIS G 60 36.63 16.16 24.97
C HIS G 60 36.67 14.76 25.50
N ASN G 61 35.50 14.26 25.86
CA ASN G 61 35.37 12.91 26.40
C ASN G 61 35.00 11.90 25.33
N LYS G 62 35.99 11.47 24.55
CA LYS G 62 35.76 10.46 23.52
C LYS G 62 36.95 9.52 23.63
N ILE G 63 36.67 8.22 23.71
CA ILE G 63 37.68 7.13 23.82
C ILE G 63 37.47 6.08 22.72
N THR G 64 38.54 5.78 21.99
CA THR G 64 38.51 4.81 20.91
C THR G 64 39.36 3.61 21.27
N TRP G 65 38.72 2.46 21.40
CA TRP G 65 39.41 1.23 21.75
C TRP G 65 39.89 0.49 20.51
N ASP G 66 40.60 -0.61 20.70
CA ASP G 66 41.09 -1.38 19.57
C ASP G 66 39.96 -1.92 18.72
N GLU G 67 40.23 -1.95 17.42
CA GLU G 67 39.34 -2.41 16.36
C GLU G 67 38.74 -3.79 16.59
N LYS G 68 39.13 -4.42 17.70
CA LYS G 68 38.64 -5.75 18.04
C LYS G 68 38.39 -5.87 19.53
N LEU G 69 39.35 -5.43 20.33
CA LEU G 69 39.23 -5.48 21.78
C LEU G 69 37.94 -4.83 22.21
N ASN G 70 37.28 -4.21 21.25
CA ASN G 70 36.03 -3.53 21.52
C ASN G 70 35.06 -4.46 22.26
N SER G 71 34.95 -5.71 21.83
CA SER G 71 34.03 -6.64 22.49
C SER G 71 34.72 -7.62 23.46
N SER G 72 34.26 -7.62 24.71
CA SER G 72 34.81 -8.45 25.78
C SER G 72 36.11 -7.81 26.20
N LYS G 73 35.97 -6.56 26.62
CA LYS G 73 37.08 -5.76 27.08
C LYS G 73 37.68 -6.40 28.33
N LEU G 74 39.00 -6.42 28.37
CA LEU G 74 39.70 -6.97 29.51
C LEU G 74 40.50 -5.78 30.02
N PHE G 75 40.28 -4.65 29.34
CA PHE G 75 40.94 -3.39 29.68
C PHE G 75 39.93 -2.34 30.10
N SER G 76 40.45 -1.29 30.74
CA SER G 76 39.62 -0.21 31.20
C SER G 76 40.39 1.07 31.04
N ALA G 77 39.67 2.17 31.01
CA ALA G 77 40.31 3.45 30.85
C ALA G 77 39.48 4.57 31.41
N MET G 78 40.16 5.69 31.64
CA MET G 78 39.54 6.88 32.18
C MET G 78 40.57 7.98 32.36
N ARG G 79 40.10 9.21 32.25
CA ARG G 79 40.94 10.38 32.40
C ARG G 79 40.89 10.83 33.86
N ASP G 80 42.05 10.81 34.52
CA ASP G 80 42.14 11.23 35.91
C ASP G 80 42.43 12.73 35.99
N THR G 81 42.04 13.31 37.12
CA THR G 81 42.22 14.73 37.39
C THR G 81 43.63 15.27 37.08
N ASN G 82 43.69 16.22 36.13
CA ASN G 82 44.92 16.88 35.67
C ASN G 82 45.96 16.01 34.95
N ASN G 83 46.08 16.22 33.63
CA ASN G 83 47.05 15.54 32.76
C ASN G 83 47.27 14.04 32.97
N LYS G 84 46.25 13.34 33.45
CA LYS G 84 46.36 11.92 33.71
C LYS G 84 45.53 11.03 32.78
N TYR G 85 46.10 9.88 32.46
CA TYR G 85 45.47 8.88 31.59
C TYR G 85 45.71 7.49 32.20
N VAL G 86 44.67 6.85 32.70
CA VAL G 86 44.82 5.53 33.30
C VAL G 86 44.22 4.33 32.53
N LEU G 87 45.12 3.41 32.17
CA LEU G 87 44.77 2.17 31.45
C LEU G 87 44.86 1.07 32.49
N THR G 88 43.70 0.65 32.99
CA THR G 88 43.65 -0.39 34.00
C THR G 88 43.19 -1.72 33.45
N LEU G 89 44.01 -2.74 33.64
CA LEU G 89 43.68 -4.09 33.18
C LEU G 89 42.74 -4.70 34.21
N ASN G 90 41.75 -5.44 33.74
CA ASN G 90 40.81 -6.06 34.64
C ASN G 90 41.51 -7.19 35.39
N LYS G 91 41.61 -8.35 34.75
CA LYS G 91 42.27 -9.52 35.34
C LYS G 91 43.56 -9.81 34.56
N PHE G 92 44.66 -10.02 35.27
CA PHE G 92 45.92 -10.30 34.60
C PHE G 92 46.00 -11.68 33.98
N SER G 93 45.07 -11.97 33.07
CA SER G 93 45.04 -13.26 32.39
C SER G 93 46.22 -13.24 31.41
N LYS G 94 46.65 -14.40 30.93
CA LYS G 94 47.79 -14.43 30.00
C LYS G 94 47.57 -13.53 28.79
N GLU G 95 46.31 -13.25 28.50
CA GLU G 95 45.92 -12.43 27.36
C GLU G 95 46.42 -11.00 27.41
N ASN G 96 47.24 -10.66 28.39
CA ASN G 96 47.74 -9.29 28.47
C ASN G 96 49.11 -9.18 29.17
N GLU G 97 49.95 -10.19 28.96
CA GLU G 97 51.28 -10.22 29.55
C GLU G 97 52.35 -9.72 28.57
N GLY G 98 52.73 -8.46 28.73
CA GLY G 98 53.74 -7.89 27.87
C GLY G 98 54.23 -6.57 28.41
N TYR G 99 54.72 -5.74 27.50
CA TYR G 99 55.23 -4.41 27.81
C TYR G 99 54.24 -3.38 27.31
N TYR G 100 53.94 -2.44 28.19
CA TYR G 100 53.00 -1.35 27.91
C TYR G 100 53.69 0.01 27.92
N PHE G 101 53.07 0.96 27.22
CA PHE G 101 53.57 2.32 27.11
C PHE G 101 52.56 3.23 26.42
N CYS G 102 52.44 4.45 26.92
CA CYS G 102 51.51 5.40 26.33
C CYS G 102 52.24 6.26 25.32
N SER G 103 51.50 6.84 24.37
CA SER G 103 52.12 7.69 23.36
C SER G 103 51.30 8.94 23.07
N VAL G 104 51.99 10.04 22.81
CA VAL G 104 51.35 11.31 22.52
C VAL G 104 52.03 11.95 21.31
N ILE G 105 51.23 12.50 20.41
CA ILE G 105 51.78 13.13 19.23
C ILE G 105 51.61 14.64 19.31
N SER G 106 52.73 15.36 19.26
CA SER G 106 52.73 16.82 19.32
C SER G 106 53.39 17.40 18.08
N ASN G 107 52.63 18.16 17.29
CA ASN G 107 53.15 18.77 16.08
C ASN G 107 53.73 17.72 15.17
N SER G 108 52.98 16.64 14.95
CA SER G 108 53.38 15.55 14.08
C SER G 108 54.62 14.77 14.54
N VAL G 109 54.81 14.64 15.85
CA VAL G 109 55.95 13.93 16.39
C VAL G 109 55.49 12.95 17.45
N MET G 110 55.67 11.67 17.17
CA MET G 110 55.27 10.64 18.12
C MET G 110 56.25 10.60 19.27
N TYR G 111 55.71 10.88 20.46
CA TYR G 111 56.49 10.89 21.70
C TYR G 111 55.99 9.70 22.55
N PHE G 112 56.87 8.72 22.84
CA PHE G 112 56.53 7.52 23.64
C PHE G 112 57.00 7.67 25.08
N SER G 113 56.33 6.96 25.97
CA SER G 113 56.76 6.93 27.37
C SER G 113 57.83 5.86 27.59
N SER G 114 57.72 5.06 28.60
CA SER G 114 58.71 3.99 28.81
C SER G 114 58.04 2.63 28.92
N VAL G 115 58.57 1.67 28.18
CA VAL G 115 58.03 0.32 28.16
C VAL G 115 58.08 -0.38 29.51
N VAL G 116 56.90 -0.61 30.05
CA VAL G 116 56.70 -1.25 31.34
C VAL G 116 56.12 -2.63 31.12
N PRO G 117 56.89 -3.64 31.49
CA PRO G 117 56.62 -5.07 31.40
C PRO G 117 55.73 -5.56 32.51
N VAL G 118 54.42 -5.42 32.41
CA VAL G 118 53.66 -5.95 33.52
C VAL G 118 53.63 -7.44 33.29
N LEU G 119 54.75 -8.09 33.59
CA LEU G 119 54.88 -9.51 33.40
C LEU G 119 54.53 -10.36 34.59
N GLN G 120 55.44 -11.30 34.80
CA GLN G 120 55.35 -12.26 35.87
C GLN G 120 56.72 -12.48 36.51
N LYS G 121 56.77 -13.49 37.36
CA LYS G 121 57.98 -13.91 38.05
C LYS G 121 57.83 -15.43 38.25
N VAL G 122 56.63 -15.92 37.93
CA VAL G 122 56.18 -17.33 37.95
C VAL G 122 56.01 -18.29 39.12
N LYS H 1 32.40 -1.33 13.36
CA LYS H 1 33.65 -1.96 12.84
C LYS H 1 33.98 -1.40 11.45
N PRO H 2 34.41 -0.13 11.39
CA PRO H 2 34.78 0.63 10.19
C PRO H 2 36.10 0.25 9.47
N GLN H 3 36.53 1.17 8.60
CA GLN H 3 37.73 1.03 7.79
C GLN H 3 39.03 0.79 8.57
N ALA H 4 40.02 0.24 7.88
CA ALA H 4 41.30 -0.05 8.48
C ALA H 4 42.37 -0.02 7.39
N PRO H 5 43.25 0.99 7.43
CA PRO H 5 44.33 1.12 6.44
C PRO H 5 45.19 -0.14 6.38
N GLU H 6 46.05 -0.24 5.37
CA GLU H 6 46.91 -1.40 5.22
C GLU H 6 48.33 -0.95 4.89
N LEU H 7 49.24 -1.17 5.83
CA LEU H 7 50.62 -0.78 5.66
C LEU H 7 51.42 -1.95 5.11
N ARG H 8 52.22 -1.69 4.08
CA ARG H 8 53.05 -2.71 3.45
C ARG H 8 54.46 -2.17 3.37
N ILE H 9 55.42 -2.92 3.89
CA ILE H 9 56.80 -2.46 3.86
C ILE H 9 57.59 -3.32 2.90
N PHE H 10 58.73 -2.80 2.49
CA PHE H 10 59.61 -3.50 1.59
C PHE H 10 61.02 -2.94 1.65
N PRO H 11 61.99 -3.82 1.83
CA PRO H 11 61.80 -5.27 1.95
C PRO H 11 61.36 -5.63 3.37
N LYS H 12 60.95 -6.88 3.60
CA LYS H 12 60.52 -7.35 4.92
C LYS H 12 61.73 -7.59 5.83
N LYS H 13 62.88 -7.85 5.20
CA LYS H 13 64.15 -8.10 5.90
C LYS H 13 65.34 -7.54 5.12
N MET H 14 66.45 -7.28 5.80
CA MET H 14 67.64 -6.75 5.14
C MET H 14 68.82 -6.63 6.10
N ASP H 15 70.02 -6.53 5.52
CA ASP H 15 71.21 -6.44 6.33
C ASP H 15 72.35 -6.10 5.40
N ALA H 16 73.31 -5.36 5.90
CA ALA H 16 74.41 -5.01 5.04
C ALA H 16 75.71 -4.65 5.68
N GLU H 17 76.62 -4.38 4.74
CA GLU H 17 77.97 -3.99 4.97
C GLU H 17 77.92 -2.69 5.72
N LEU H 18 78.75 -2.61 6.73
CA LEU H 18 78.83 -1.39 7.51
C LEU H 18 79.11 -0.25 6.52
N GLY H 19 78.10 0.59 6.22
CA GLY H 19 78.27 1.70 5.30
C GLY H 19 77.41 1.81 4.04
N GLN H 20 76.27 1.14 4.00
CA GLN H 20 75.49 1.22 2.77
C GLN H 20 74.16 2.01 2.84
N LYS H 21 73.67 2.53 1.70
CA LYS H 21 72.39 3.28 1.66
C LYS H 21 71.21 2.32 1.66
N VAL H 22 70.56 2.21 2.81
CA VAL H 22 69.39 1.33 2.99
C VAL H 22 68.13 2.17 2.79
N ASP H 23 67.31 1.84 1.79
CA ASP H 23 66.09 2.59 1.58
C ASP H 23 64.91 1.67 1.85
N LEU H 24 64.02 2.12 2.72
CA LEU H 24 62.86 1.32 3.08
C LEU H 24 61.59 2.08 2.70
N VAL H 25 60.73 1.45 1.92
CA VAL H 25 59.49 2.06 1.50
C VAL H 25 58.28 1.49 2.21
N CYS H 26 57.31 2.35 2.48
CA CYS H 26 56.09 1.93 3.16
C CYS H 26 54.90 2.30 2.27
N GLU H 27 54.11 1.31 1.88
CA GLU H 27 52.96 1.55 1.04
C GLU H 27 51.70 1.53 1.87
N VAL H 28 51.01 2.66 1.92
CA VAL H 28 49.78 2.78 2.68
C VAL H 28 48.59 2.64 1.73
N LEU H 29 47.69 1.72 2.04
CA LEU H 29 46.53 1.52 1.20
C LEU H 29 45.31 2.10 1.90
N GLY H 30 44.55 2.93 1.19
CA GLY H 30 43.37 3.49 1.80
C GLY H 30 43.37 4.99 1.92
N SER H 31 42.17 5.55 1.86
CA SER H 31 42.00 6.99 1.95
C SER H 31 41.54 7.39 3.34
N VAL H 32 41.59 6.44 4.27
CA VAL H 32 41.17 6.70 5.65
C VAL H 32 42.27 7.17 6.57
N SER H 33 43.30 7.80 6.03
CA SER H 33 44.42 8.28 6.83
C SER H 33 45.52 8.80 5.93
N GLN H 34 45.90 10.06 6.15
CA GLN H 34 46.96 10.71 5.38
C GLN H 34 48.28 10.71 6.15
N GLY H 35 49.35 10.98 5.42
CA GLY H 35 50.67 11.01 6.05
C GLY H 35 51.16 9.64 6.48
N CYS H 36 52.37 9.61 7.05
CA CYS H 36 52.98 8.38 7.51
C CYS H 36 54.18 8.67 8.40
N SER H 37 54.37 7.80 9.38
CA SER H 37 55.47 7.91 10.34
C SER H 37 56.33 6.66 10.30
N TRP H 38 57.63 6.86 10.34
CA TRP H 38 58.59 5.76 10.33
C TRP H 38 59.16 5.59 11.74
N LEU H 39 58.99 4.42 12.33
CA LEU H 39 59.50 4.18 13.67
C LEU H 39 60.72 3.28 13.62
N PHE H 40 61.38 3.17 14.78
CA PHE H 40 62.58 2.36 14.91
C PHE H 40 62.74 1.82 16.32
N GLN H 41 63.11 0.54 16.44
CA GLN H 41 63.34 -0.08 17.74
C GLN H 41 64.81 -0.46 17.76
N ASN H 42 65.63 0.38 18.40
CA ASN H 42 67.08 0.15 18.47
C ASN H 42 67.42 -1.30 18.79
N SER H 43 68.39 -1.83 18.07
CA SER H 43 68.84 -3.21 18.26
C SER H 43 69.39 -3.38 19.66
N SER H 44 70.13 -2.37 20.12
CA SER H 44 70.72 -2.40 21.46
C SER H 44 69.69 -1.97 22.51
N SER H 45 69.05 -2.97 23.12
CA SER H 45 68.05 -2.72 24.15
C SER H 45 67.38 -4.02 24.62
N LYS H 46 67.01 -4.06 25.88
CA LYS H 46 66.34 -5.25 26.43
C LYS H 46 64.83 -5.02 26.40
N LEU H 47 64.43 -3.81 26.75
CA LEU H 47 63.03 -3.41 26.76
C LEU H 47 62.70 -2.78 25.42
N PRO H 48 61.64 -3.26 24.77
CA PRO H 48 61.20 -2.76 23.47
C PRO H 48 60.82 -1.30 23.55
N GLN H 49 61.80 -0.43 23.38
CA GLN H 49 61.54 1.00 23.43
C GLN H 49 61.62 1.59 22.04
N PRO H 50 60.46 1.86 21.43
CA PRO H 50 60.38 2.43 20.09
C PRO H 50 60.94 3.82 20.06
N THR H 51 61.49 4.18 18.92
CA THR H 51 62.06 5.49 18.76
C THR H 51 61.53 6.14 17.49
N PHE H 52 60.89 7.28 17.67
CA PHE H 52 60.31 8.03 16.58
C PHE H 52 61.41 8.53 15.67
N VAL H 53 61.34 8.16 14.40
CA VAL H 53 62.33 8.64 13.43
C VAL H 53 61.73 9.86 12.75
N VAL H 54 60.80 9.56 11.85
CA VAL H 54 60.22 10.62 11.06
C VAL H 54 58.78 10.52 10.64
N TYR H 55 58.24 11.71 10.34
CA TYR H 55 56.88 11.94 9.87
C TYR H 55 56.84 12.67 8.51
N MET H 56 55.95 12.20 7.64
CA MET H 56 55.79 12.79 6.32
C MET H 56 54.30 12.97 5.98
N ALA H 57 53.96 14.11 5.38
CA ALA H 57 52.59 14.40 4.98
C ALA H 57 52.37 13.81 3.59
N SER H 58 51.12 13.46 3.30
CA SER H 58 50.71 12.87 2.03
C SER H 58 50.42 13.96 1.00
N SER H 59 50.47 15.20 1.47
CA SER H 59 50.21 16.35 0.61
C SER H 59 51.47 17.20 0.51
N HIS H 60 51.77 17.93 1.59
CA HIS H 60 52.94 18.76 1.59
C HIS H 60 54.17 17.95 1.84
N ASN H 61 55.22 18.45 1.21
CA ASN H 61 56.58 17.94 1.21
C ASN H 61 57.27 18.26 2.52
N LYS H 62 56.48 18.72 3.48
CA LYS H 62 57.03 19.06 4.78
C LYS H 62 57.16 17.83 5.63
N ILE H 63 58.38 17.68 6.12
CA ILE H 63 58.72 16.54 6.95
C ILE H 63 59.07 16.99 8.33
N THR H 64 58.59 16.23 9.29
CA THR H 64 58.85 16.52 10.67
C THR H 64 59.60 15.31 11.26
N TRP H 65 60.88 15.53 11.61
CA TRP H 65 61.87 14.57 12.19
C TRP H 65 62.07 14.68 13.73
N ASP H 66 63.03 13.95 14.34
CA ASP H 66 63.28 14.20 15.78
C ASP H 66 64.73 14.54 16.12
N GLU H 67 64.84 15.79 16.58
CA GLU H 67 66.04 16.52 17.01
C GLU H 67 66.80 15.88 18.14
N LYS H 68 66.43 14.68 18.49
CA LYS H 68 67.08 13.96 19.57
C LYS H 68 68.38 13.30 19.10
N LEU H 69 69.38 13.31 20.02
CA LEU H 69 70.76 12.79 19.84
C LEU H 69 70.98 12.91 18.35
N ASN H 70 70.71 14.16 17.93
CA ASN H 70 70.80 14.67 16.55
C ASN H 70 71.52 13.68 15.71
N SER H 71 70.73 12.94 14.96
CA SER H 71 71.27 11.93 14.11
C SER H 71 71.02 12.36 12.68
N SER H 72 70.94 13.67 12.49
CA SER H 72 70.69 14.21 11.17
C SER H 72 71.95 14.14 10.35
N LYS H 73 72.04 13.04 9.62
CA LYS H 73 73.17 12.76 8.76
C LYS H 73 73.07 11.30 8.31
N LEU H 74 72.43 10.47 9.14
CA LEU H 74 72.26 9.06 8.85
C LEU H 74 70.83 8.78 8.38
N PHE H 75 69.94 9.71 8.66
CA PHE H 75 68.54 9.56 8.27
C PHE H 75 68.10 10.52 7.19
N SER H 76 67.39 9.99 6.19
CA SER H 76 66.88 10.75 5.07
C SER H 76 65.65 10.04 4.50
N ALA H 77 64.59 10.79 4.21
CA ALA H 77 63.36 10.18 3.68
C ALA H 77 62.55 11.07 2.73
N MET H 78 61.97 10.43 1.70
CA MET H 78 61.16 11.12 0.70
C MET H 78 59.85 10.37 0.47
N ARG H 79 58.95 10.94 -0.31
CA ARG H 79 57.66 10.31 -0.59
C ARG H 79 57.46 10.11 -2.08
N ASP H 80 57.20 8.87 -2.50
CA ASP H 80 57.00 8.58 -3.93
C ASP H 80 55.56 8.61 -4.42
N THR H 81 55.28 7.77 -5.42
CA THR H 81 53.96 7.73 -6.02
C THR H 81 52.81 7.30 -5.11
N ASN H 82 52.18 6.19 -5.48
CA ASN H 82 51.03 5.63 -4.76
C ASN H 82 51.27 5.32 -3.30
N ASN H 83 50.90 6.27 -2.45
CA ASN H 83 51.05 6.17 -1.00
C ASN H 83 52.35 5.45 -0.63
N LYS H 84 53.42 5.82 -1.32
CA LYS H 84 54.75 5.24 -1.11
C LYS H 84 55.66 6.18 -0.32
N TYR H 85 55.98 5.77 0.91
CA TYR H 85 56.83 6.55 1.80
C TYR H 85 58.18 5.87 1.96
N VAL H 86 59.21 6.47 1.36
CA VAL H 86 60.58 5.96 1.39
C VAL H 86 61.40 6.55 2.52
N LEU H 87 62.16 5.70 3.21
CA LEU H 87 63.02 6.11 4.32
C LEU H 87 64.39 5.51 4.06
N THR H 88 65.33 6.35 3.62
CA THR H 88 66.69 5.89 3.34
C THR H 88 67.67 6.19 4.48
N LEU H 89 68.61 5.26 4.68
CA LEU H 89 69.62 5.37 5.72
C LEU H 89 70.96 5.73 5.10
N ASN H 90 71.51 6.86 5.53
CA ASN H 90 72.78 7.33 5.03
C ASN H 90 73.90 6.53 5.74
N LYS H 91 74.49 5.56 5.03
CA LYS H 91 75.57 4.71 5.56
C LYS H 91 75.14 3.79 6.70
N PHE H 92 74.78 2.55 6.41
CA PHE H 92 74.39 1.66 7.50
C PHE H 92 75.46 1.50 8.59
N SER H 93 75.45 2.35 9.62
CA SER H 93 76.43 2.26 10.73
C SER H 93 75.83 1.43 11.87
N LYS H 94 76.54 1.33 12.98
CA LYS H 94 76.05 0.54 14.13
C LYS H 94 74.86 1.21 14.81
N GLU H 95 74.81 2.54 14.76
CA GLU H 95 73.71 3.29 15.38
C GLU H 95 72.41 3.12 14.59
N ASN H 96 72.51 2.51 13.41
CA ASN H 96 71.34 2.30 12.55
C ASN H 96 70.73 0.91 12.72
N GLU H 97 71.55 -0.06 13.10
CA GLU H 97 71.10 -1.42 13.29
C GLU H 97 69.94 -1.53 14.23
N GLY H 98 68.95 -2.28 13.79
CA GLY H 98 67.79 -2.46 14.60
C GLY H 98 66.60 -2.88 13.78
N TYR H 99 65.42 -2.57 14.31
CA TYR H 99 64.16 -2.90 13.67
C TYR H 99 63.39 -1.64 13.30
N TYR H 100 62.98 -1.57 12.03
CA TYR H 100 62.24 -0.42 11.52
C TYR H 100 60.83 -0.80 11.13
N PHE H 101 59.91 0.16 11.17
CA PHE H 101 58.54 -0.12 10.81
C PHE H 101 57.67 1.13 10.75
N CYS H 102 56.78 1.19 9.76
CA CYS H 102 55.93 2.37 9.62
C CYS H 102 54.57 2.24 10.28
N SER H 103 54.10 3.41 10.68
CA SER H 103 52.83 3.60 11.34
C SER H 103 52.03 4.72 10.69
N VAL H 104 50.71 4.64 10.86
CA VAL H 104 49.78 5.61 10.30
C VAL H 104 48.60 5.70 11.27
N ILE H 105 47.87 6.80 11.23
CA ILE H 105 46.73 6.99 12.12
C ILE H 105 45.42 7.23 11.36
N SER H 106 44.44 6.36 11.58
CA SER H 106 43.15 6.49 10.93
C SER H 106 42.05 6.56 11.97
N ASN H 107 41.31 7.67 11.97
CA ASN H 107 40.20 7.87 12.90
C ASN H 107 40.62 7.55 14.32
N SER H 108 41.67 8.23 14.74
CA SER H 108 42.25 8.11 16.05
C SER H 108 42.99 6.78 16.37
N VAL H 109 42.74 5.69 15.64
CA VAL H 109 43.44 4.39 15.91
C VAL H 109 44.78 4.28 15.18
N MET H 110 45.84 3.88 15.89
CA MET H 110 47.20 3.73 15.31
C MET H 110 47.46 2.36 14.72
N TYR H 111 47.93 2.33 13.48
CA TYR H 111 48.22 1.07 12.83
C TYR H 111 49.72 0.95 12.62
N PHE H 112 50.23 -0.27 12.79
CA PHE H 112 51.65 -0.56 12.64
C PHE H 112 51.91 -1.74 11.68
N SER H 113 52.94 -1.51 10.85
CA SER H 113 53.46 -2.47 9.84
C SER H 113 54.26 -3.55 10.54
N SER H 114 54.45 -4.65 9.87
CA SER H 114 55.28 -5.71 10.42
C SER H 114 56.71 -5.13 10.42
N VAL H 115 57.44 -5.38 11.50
CA VAL H 115 58.81 -4.89 11.63
C VAL H 115 59.73 -5.48 10.58
N VAL H 116 60.80 -4.76 10.28
CA VAL H 116 61.76 -5.21 9.27
C VAL H 116 63.18 -5.11 9.80
N PRO H 117 63.84 -6.27 9.97
CA PRO H 117 65.23 -6.35 10.47
C PRO H 117 66.28 -5.66 9.57
N VAL H 118 67.12 -4.83 10.20
CA VAL H 118 68.19 -4.08 9.54
C VAL H 118 69.45 -4.22 10.40
N LEU H 119 69.95 -5.45 10.48
CA LEU H 119 71.14 -5.77 11.28
C LEU H 119 72.39 -5.91 10.38
N GLN H 120 73.57 -6.20 10.94
CA GLN H 120 74.80 -6.35 10.13
C GLN H 120 74.77 -7.71 9.40
N LYS H 121 75.12 -7.72 8.12
CA LYS H 121 75.07 -8.97 7.36
C LYS H 121 75.94 -10.09 7.93
N VAL H 122 75.28 -10.94 8.72
CA VAL H 122 75.88 -12.10 9.38
C VAL H 122 77.33 -11.92 9.89
N SER H 123 77.80 -10.68 9.88
CA SER H 123 79.15 -10.36 10.35
C SER H 123 80.27 -11.18 9.71
N SER H 124 80.00 -11.85 8.59
CA SER H 124 81.03 -12.68 7.97
C SER H 124 81.73 -12.15 6.72
N ALA H 125 82.74 -12.94 6.34
CA ALA H 125 83.64 -12.74 5.21
C ALA H 125 84.91 -12.05 5.70
N ALA I 4 -29.85 18.33 19.47
CA ALA I 4 -30.81 17.60 18.60
C ALA I 4 -31.61 16.60 19.44
N PRO I 5 -32.54 15.89 18.79
CA PRO I 5 -33.36 14.90 19.49
C PRO I 5 -32.56 13.74 20.06
N GLU I 6 -33.16 13.01 20.99
CA GLU I 6 -32.52 11.85 21.62
C GLU I 6 -33.58 10.95 22.22
N LEU I 7 -33.39 9.64 22.08
CA LEU I 7 -34.35 8.68 22.60
C LEU I 7 -33.87 7.77 23.74
N ARG I 8 -34.29 8.06 24.96
CA ARG I 8 -33.92 7.26 26.10
C ARG I 8 -34.91 6.10 26.16
N ILE I 9 -34.48 4.97 26.69
CA ILE I 9 -35.37 3.83 26.77
C ILE I 9 -35.24 3.15 28.13
N PHE I 10 -36.39 2.88 28.73
CA PHE I 10 -36.41 2.24 30.02
C PHE I 10 -37.42 1.13 30.02
N PRO I 11 -37.08 0.00 30.66
CA PRO I 11 -35.78 -0.18 31.33
C PRO I 11 -34.61 -0.40 30.37
N LYS I 12 -33.41 -0.54 30.94
CA LYS I 12 -32.18 -0.75 30.18
C LYS I 12 -32.08 -2.17 29.64
N LYS I 13 -32.65 -3.12 30.36
CA LYS I 13 -32.64 -4.53 29.97
C LYS I 13 -33.69 -5.26 30.81
N MET I 14 -34.24 -6.35 30.29
CA MET I 14 -35.26 -7.05 31.05
C MET I 14 -35.39 -8.56 30.85
N ASP I 15 -35.04 -9.31 31.90
CA ASP I 15 -35.14 -10.76 31.90
C ASP I 15 -36.46 -11.01 32.59
N ALA I 16 -37.50 -11.29 31.80
CA ALA I 16 -38.83 -11.51 32.36
C ALA I 16 -39.20 -12.98 32.44
N GLU I 17 -40.47 -13.23 32.79
CA GLU I 17 -40.98 -14.59 32.90
C GLU I 17 -42.37 -14.72 32.29
N LEU I 18 -42.59 -15.83 31.60
CA LEU I 18 -43.85 -16.13 30.93
C LEU I 18 -45.10 -15.58 31.62
N GLY I 19 -45.95 -14.94 30.83
CA GLY I 19 -47.18 -14.39 31.34
C GLY I 19 -47.10 -13.03 32.02
N GLN I 20 -45.90 -12.59 32.36
CA GLN I 20 -45.74 -11.30 33.04
C GLN I 20 -45.87 -10.13 32.09
N LYS I 21 -46.36 -9.00 32.61
CA LYS I 21 -46.55 -7.79 31.83
C LYS I 21 -45.30 -6.91 31.91
N VAL I 22 -44.69 -6.67 30.75
CA VAL I 22 -43.49 -5.84 30.70
C VAL I 22 -43.82 -4.47 30.13
N ASP I 23 -43.33 -3.43 30.79
CA ASP I 23 -43.58 -2.08 30.34
C ASP I 23 -42.30 -1.47 29.83
N LEU I 24 -42.30 -1.14 28.54
CA LEU I 24 -41.14 -0.53 27.90
C LEU I 24 -41.46 0.92 27.55
N VAL I 25 -40.77 1.82 28.20
CA VAL I 25 -40.95 3.24 27.99
C VAL I 25 -39.90 3.84 27.08
N CYS I 26 -40.30 4.87 26.34
CA CYS I 26 -39.42 5.57 25.42
C CYS I 26 -39.60 7.05 25.70
N GLU I 27 -38.52 7.72 26.07
CA GLU I 27 -38.59 9.14 26.37
C GLU I 27 -37.97 9.93 25.24
N VAL I 28 -38.78 10.80 24.63
CA VAL I 28 -38.32 11.61 23.51
C VAL I 28 -37.73 12.95 23.95
N LEU I 29 -36.41 13.10 23.80
CA LEU I 29 -35.72 14.33 24.17
C LEU I 29 -35.44 15.21 22.98
N GLY I 30 -35.42 16.52 23.20
CA GLY I 30 -35.15 17.46 22.13
C GLY I 30 -36.43 17.83 21.39
N SER I 31 -36.31 18.58 20.31
CA SER I 31 -37.49 18.97 19.54
C SER I 31 -37.79 17.89 18.52
N VAL I 32 -39.02 17.38 18.55
CA VAL I 32 -39.41 16.35 17.62
C VAL I 32 -40.84 16.49 17.17
N SER I 33 -41.04 16.92 15.93
CA SER I 33 -42.37 17.11 15.39
C SER I 33 -43.10 15.81 15.11
N GLN I 34 -42.42 14.87 14.47
CA GLN I 34 -43.07 13.60 14.18
C GLN I 34 -43.41 12.86 15.48
N GLY I 35 -43.94 11.65 15.34
CA GLY I 35 -44.29 10.86 16.51
C GLY I 35 -43.23 9.85 16.91
N CYS I 36 -43.61 8.91 17.76
CA CYS I 36 -42.70 7.88 18.25
C CYS I 36 -43.16 6.53 17.76
N SER I 37 -42.22 5.77 17.18
CA SER I 37 -42.50 4.43 16.66
C SER I 37 -41.76 3.38 17.49
N TRP I 38 -42.43 2.26 17.76
CA TRP I 38 -41.87 1.14 18.54
C TRP I 38 -41.60 -0.08 17.65
N LEU I 39 -40.34 -0.53 17.65
CA LEU I 39 -39.93 -1.69 16.85
C LEU I 39 -39.12 -2.70 17.64
N PHE I 40 -38.93 -3.88 17.06
CA PHE I 40 -38.14 -4.90 17.73
C PHE I 40 -37.71 -5.99 16.79
N GLN I 41 -36.62 -6.63 17.18
CA GLN I 41 -36.06 -7.71 16.42
C GLN I 41 -35.91 -8.88 17.35
N ASN I 42 -36.60 -9.95 17.02
CA ASN I 42 -36.59 -11.14 17.81
C ASN I 42 -35.54 -12.10 17.47
N SER I 43 -35.41 -13.04 18.39
CA SER I 43 -34.46 -14.08 18.18
C SER I 43 -35.23 -14.85 17.06
N SER I 44 -34.84 -16.07 16.73
CA SER I 44 -35.57 -16.76 15.67
C SER I 44 -35.18 -16.25 14.26
N SER I 45 -34.46 -15.12 14.17
CA SER I 45 -34.02 -14.58 12.87
C SER I 45 -32.51 -14.50 12.87
N LYS I 46 -31.85 -15.23 11.99
CA LYS I 46 -30.40 -15.17 11.97
C LYS I 46 -29.91 -13.74 11.77
N LEU I 47 -30.38 -13.11 10.69
CA LEU I 47 -30.01 -11.74 10.33
C LEU I 47 -30.89 -10.68 11.01
N PRO I 48 -30.26 -9.64 11.58
CA PRO I 48 -30.92 -8.54 12.29
C PRO I 48 -31.96 -7.79 11.44
N GLN I 49 -33.16 -8.36 11.39
CA GLN I 49 -34.27 -7.80 10.64
C GLN I 49 -35.28 -7.15 11.59
N PRO I 50 -35.33 -5.81 11.59
CA PRO I 50 -36.25 -5.07 12.46
C PRO I 50 -37.70 -5.27 12.02
N THR I 51 -38.61 -5.11 12.96
CA THR I 51 -40.03 -5.27 12.68
C THR I 51 -40.83 -4.16 13.35
N PHE I 52 -41.70 -3.54 12.56
CA PHE I 52 -42.53 -2.45 13.06
C PHE I 52 -43.61 -3.01 13.96
N VAL I 53 -43.87 -2.31 15.06
CA VAL I 53 -44.90 -2.73 16.00
C VAL I 53 -45.97 -1.66 16.21
N VAL I 54 -45.57 -0.54 16.81
CA VAL I 54 -46.50 0.55 17.08
C VAL I 54 -45.94 1.92 16.73
N TYR I 55 -46.83 2.83 16.34
CA TYR I 55 -46.50 4.23 16.01
C TYR I 55 -47.52 5.12 16.67
N MET I 56 -47.06 6.01 17.54
CA MET I 56 -47.97 6.92 18.24
C MET I 56 -47.63 8.37 17.91
N ALA I 57 -48.57 9.05 17.25
CA ALA I 57 -48.40 10.44 16.87
C ALA I 57 -48.25 11.36 18.07
N SER I 58 -47.32 12.31 17.96
CA SER I 58 -47.04 13.29 19.02
C SER I 58 -48.09 14.40 18.91
N SER I 59 -48.57 14.50 17.67
CA SER I 59 -49.59 15.38 17.05
C SER I 59 -50.91 15.47 17.72
N HIS I 60 -51.71 14.52 17.32
CA HIS I 60 -53.06 14.27 17.72
C HIS I 60 -52.97 12.87 18.35
N ASN I 61 -54.11 12.20 18.41
CA ASN I 61 -54.16 10.86 18.97
C ASN I 61 -54.32 9.84 17.86
N LYS I 62 -53.23 9.15 17.55
CA LYS I 62 -53.22 8.13 16.52
C LYS I 62 -52.15 7.08 16.78
N ILE I 63 -52.61 5.84 16.93
CA ILE I 63 -51.79 4.67 17.17
C ILE I 63 -51.96 3.66 16.03
N THR I 64 -50.91 3.49 15.25
CA THR I 64 -50.91 2.58 14.12
C THR I 64 -50.10 1.35 14.43
N TRP I 65 -50.79 0.22 14.40
CA TRP I 65 -50.17 -1.08 14.66
C TRP I 65 -49.84 -1.79 13.36
N ASP I 66 -48.81 -2.63 13.38
CA ASP I 66 -48.40 -3.40 12.20
C ASP I 66 -49.61 -4.20 11.61
N GLU I 67 -49.63 -4.45 10.31
CA GLU I 67 -50.74 -5.19 9.64
C GLU I 67 -51.15 -6.52 10.27
N LYS I 68 -50.17 -7.36 10.59
CA LYS I 68 -50.44 -8.65 11.19
C LYS I 68 -50.32 -8.62 12.70
N LEU I 69 -50.91 -7.60 13.32
CA LEU I 69 -50.87 -7.46 14.78
C LEU I 69 -52.23 -6.97 15.23
N ASN I 70 -53.21 -7.06 14.33
CA ASN I 70 -54.56 -6.63 14.64
C ASN I 70 -55.27 -7.60 15.59
N SER I 71 -54.97 -8.91 15.45
CA SER I 71 -55.56 -9.97 16.28
C SER I 71 -54.58 -10.45 17.37
N SER I 72 -55.09 -11.19 18.36
CA SER I 72 -54.28 -11.70 19.48
C SER I 72 -53.35 -10.60 20.00
N LYS I 73 -53.94 -9.71 20.79
CA LYS I 73 -53.21 -8.57 21.37
C LYS I 73 -52.20 -8.92 22.45
N LEU I 74 -50.91 -8.85 22.11
CA LEU I 74 -49.89 -9.14 23.11
C LEU I 74 -49.10 -7.85 23.36
N PHE I 75 -49.61 -6.78 22.76
CA PHE I 75 -48.99 -5.48 22.90
C PHE I 75 -50.05 -4.47 23.25
N SER I 76 -49.59 -3.39 23.87
CA SER I 76 -50.44 -2.29 24.30
C SER I 76 -49.60 -1.04 24.26
N ALA I 77 -50.06 -0.03 23.56
CA ALA I 77 -49.27 1.18 23.51
C ALA I 77 -50.10 2.32 24.08
N MET I 78 -49.43 3.21 24.79
CA MET I 78 -50.09 4.37 25.38
C MET I 78 -49.06 5.46 25.59
N ARG I 79 -49.47 6.69 25.35
CA ARG I 79 -48.60 7.84 25.52
C ARG I 79 -48.81 8.40 26.91
N ASP I 80 -47.83 8.19 27.77
CA ASP I 80 -47.88 8.66 29.14
C ASP I 80 -47.67 10.18 29.15
N THR I 81 -47.71 10.77 30.33
CA THR I 81 -47.51 12.21 30.46
C THR I 81 -46.11 12.66 30.06
N ASN I 82 -46.05 13.79 29.34
CA ASN I 82 -44.82 14.41 28.88
C ASN I 82 -43.78 13.56 28.15
N ASN I 83 -43.66 13.81 26.84
CA ASN I 83 -42.74 13.12 25.94
C ASN I 83 -42.30 11.74 26.41
N LYS I 84 -43.27 10.84 26.57
CA LYS I 84 -43.04 9.46 27.02
C LYS I 84 -44.07 8.50 26.43
N TYR I 85 -43.58 7.54 25.64
CA TYR I 85 -44.42 6.52 24.99
C TYR I 85 -44.08 5.11 25.48
N VAL I 86 -45.08 4.41 26.04
CA VAL I 86 -44.89 3.06 26.56
C VAL I 86 -45.55 1.96 25.78
N LEU I 87 -44.81 0.86 25.66
CA LEU I 87 -45.26 -0.32 24.96
C LEU I 87 -45.27 -1.43 26.01
N THR I 88 -46.46 -1.88 26.38
CA THR I 88 -46.58 -2.92 27.37
C THR I 88 -46.83 -4.27 26.72
N LEU I 89 -46.03 -5.25 27.10
CA LEU I 89 -46.18 -6.60 26.60
C LEU I 89 -47.13 -7.28 27.58
N ASN I 90 -48.38 -7.49 27.17
CA ASN I 90 -49.38 -8.13 28.03
C ASN I 90 -48.83 -9.40 28.68
N LYS I 91 -48.73 -10.46 27.89
CA LYS I 91 -48.23 -11.73 28.38
C LYS I 91 -46.86 -11.92 27.77
N PHE I 92 -45.82 -12.07 28.61
CA PHE I 92 -44.49 -12.27 28.07
C PHE I 92 -44.29 -13.68 27.52
N SER I 93 -44.73 -13.90 26.29
CA SER I 93 -44.59 -15.19 25.66
C SER I 93 -43.21 -15.26 25.04
N LYS I 94 -43.01 -16.26 24.19
CA LYS I 94 -41.73 -16.42 23.52
C LYS I 94 -41.84 -15.81 22.14
N GLU I 95 -43.04 -15.88 21.58
CA GLU I 95 -43.30 -15.35 20.26
C GLU I 95 -43.07 -13.85 20.22
N ASN I 96 -42.39 -13.32 21.23
CA ASN I 96 -42.08 -11.89 21.30
C ASN I 96 -40.81 -11.66 22.09
N GLU I 97 -40.00 -12.70 22.21
CA GLU I 97 -38.74 -12.60 22.94
C GLU I 97 -37.66 -12.01 22.02
N GLY I 98 -37.40 -10.71 22.16
CA GLY I 98 -36.39 -10.10 21.33
C GLY I 98 -35.89 -8.77 21.87
N TYR I 99 -35.15 -8.04 21.04
CA TYR I 99 -34.59 -6.75 21.42
C TYR I 99 -35.45 -5.60 20.93
N TYR I 100 -36.08 -4.91 21.88
CA TYR I 100 -36.94 -3.78 21.60
C TYR I 100 -36.24 -2.45 21.59
N PHE I 101 -36.85 -1.48 20.90
CA PHE I 101 -36.26 -0.16 20.81
C PHE I 101 -37.19 0.77 20.00
N CYS I 102 -37.20 2.05 20.35
CA CYS I 102 -38.06 3.03 19.67
C CYS I 102 -37.28 3.93 18.72
N SER I 103 -38.01 4.55 17.79
CA SER I 103 -37.42 5.45 16.79
C SER I 103 -38.32 6.63 16.44
N VAL I 104 -37.69 7.74 16.04
CA VAL I 104 -38.43 8.94 15.66
C VAL I 104 -37.66 9.64 14.55
N ILE I 105 -38.39 10.24 13.62
CA ILE I 105 -37.78 10.95 12.50
C ILE I 105 -37.77 12.48 12.68
N SER I 106 -36.59 13.08 12.61
CA SER I 106 -36.41 14.53 12.74
C SER I 106 -35.68 15.03 11.49
N ASN I 107 -36.37 15.85 10.71
CA ASN I 107 -35.82 16.40 9.49
C ASN I 107 -35.09 15.32 8.69
N SER I 108 -35.88 14.41 8.12
CA SER I 108 -35.35 13.32 7.32
C SER I 108 -34.24 12.51 7.97
N VAL I 109 -34.11 12.62 9.28
CA VAL I 109 -33.07 11.88 10.00
C VAL I 109 -33.73 10.95 10.99
N MET I 110 -33.41 9.67 10.86
CA MET I 110 -33.94 8.65 11.73
C MET I 110 -33.14 8.57 12.99
N TYR I 111 -33.83 8.45 14.12
CA TYR I 111 -33.18 8.35 15.40
C TYR I 111 -33.70 7.05 16.18
N PHE I 112 -32.77 6.35 16.92
CA PHE I 112 -33.09 5.08 17.70
C PHE I 112 -32.49 5.15 19.17
N SER I 113 -33.06 4.37 20.14
CA SER I 113 -32.55 4.31 21.56
C SER I 113 -31.47 3.27 21.63
N SER I 114 -31.30 2.69 22.73
CA SER I 114 -30.41 1.59 22.78
C SER I 114 -31.33 0.40 22.92
N VAL I 115 -31.03 -0.64 22.15
CA VAL I 115 -31.82 -1.86 22.13
C VAL I 115 -31.76 -2.60 23.47
N VAL I 116 -32.92 -2.73 24.10
CA VAL I 116 -33.04 -3.40 25.39
C VAL I 116 -33.52 -4.84 25.22
N PRO I 117 -32.65 -5.81 25.59
CA PRO I 117 -32.95 -7.24 25.50
C PRO I 117 -34.13 -7.65 26.38
N VAL I 118 -35.04 -8.44 25.81
CA VAL I 118 -36.20 -8.93 26.53
C VAL I 118 -36.19 -10.43 26.44
N LEU I 119 -35.48 -11.05 27.37
CA LEU I 119 -35.38 -12.50 27.39
C LEU I 119 -35.98 -13.08 28.67
N GLN I 120 -36.03 -14.42 28.73
CA GLN I 120 -36.58 -15.10 29.89
C GLN I 120 -35.53 -15.35 30.96
N LYS I 121 -35.99 -15.35 32.21
CA LYS I 121 -35.14 -15.57 33.37
C LYS I 121 -34.79 -17.03 33.59
N VAL I 122 -33.70 -17.45 32.95
CA VAL I 122 -33.17 -18.80 33.08
C VAL I 122 -34.15 -19.99 33.21
N SER I 123 -34.75 -20.51 32.15
CA SER I 123 -35.66 -21.66 32.40
C SER I 123 -35.11 -22.85 33.26
N SER I 124 -35.76 -23.16 34.39
CA SER I 124 -35.41 -24.25 35.33
C SER I 124 -33.92 -24.49 35.62
N ALA I 125 -33.15 -23.42 35.57
CA ALA I 125 -31.71 -23.46 35.80
C ALA I 125 -31.01 -24.52 34.97
N LYS J 1 -56.36 -1.95 6.37
CA LYS J 1 -56.14 -2.68 5.08
C LYS J 1 -55.15 -2.04 4.08
N PRO J 2 -54.73 -0.78 4.30
CA PRO J 2 -53.80 -0.17 3.34
C PRO J 2 -52.58 -1.05 3.07
N GLN J 3 -52.12 -1.00 1.82
CA GLN J 3 -50.98 -1.79 1.40
C GLN J 3 -49.64 -1.32 1.84
N ALA J 4 -48.76 -2.30 1.92
CA ALA J 4 -47.38 -2.16 2.33
C ALA J 4 -46.44 -2.23 1.14
N PRO J 5 -45.72 -1.13 0.90
CA PRO J 5 -44.77 -1.06 -0.22
C PRO J 5 -43.75 -2.15 0.03
N GLU J 6 -43.25 -2.71 -1.05
CA GLU J 6 -42.27 -3.76 -0.93
C GLU J 6 -40.91 -3.30 -1.46
N LEU J 7 -39.87 -3.51 -0.67
CA LEU J 7 -38.52 -3.11 -1.03
C LEU J 7 -37.70 -4.28 -1.55
N ARG J 8 -36.73 -3.99 -2.41
CA ARG J 8 -35.86 -5.01 -2.98
C ARG J 8 -34.35 -4.60 -2.91
N ILE J 9 -33.61 -5.12 -1.92
CA ILE J 9 -32.18 -4.84 -1.77
C ILE J 9 -31.44 -5.77 -2.72
N PHE J 10 -30.41 -5.25 -3.37
CA PHE J 10 -29.60 -6.01 -4.31
C PHE J 10 -28.18 -5.42 -4.18
N PRO J 11 -27.14 -6.26 -3.98
CA PRO J 11 -27.18 -7.72 -3.86
C PRO J 11 -27.80 -8.11 -2.55
N LYS J 12 -28.15 -9.37 -2.41
CA LYS J 12 -28.77 -9.89 -1.20
C LYS J 12 -27.70 -10.50 -0.28
N LYS J 13 -26.44 -10.16 -0.56
CA LYS J 13 -25.30 -10.65 0.21
C LYS J 13 -24.07 -10.19 -0.54
N MET J 14 -23.07 -9.69 0.18
CA MET J 14 -21.85 -9.22 -0.45
C MET J 14 -20.60 -9.35 0.40
N ASP J 15 -19.84 -10.41 0.18
CA ASP J 15 -18.59 -10.64 0.91
C ASP J 15 -17.49 -9.94 0.13
N ALA J 16 -17.13 -8.74 0.58
CA ALA J 16 -16.10 -7.95 -0.09
C ALA J 16 -14.71 -8.01 0.56
N GLU J 17 -13.75 -7.42 -0.15
CA GLU J 17 -12.37 -7.36 0.28
C GLU J 17 -12.00 -5.94 0.63
N LEU J 18 -10.88 -5.77 1.30
CA LEU J 18 -10.46 -4.43 1.69
C LEU J 18 -10.36 -3.44 0.54
N GLY J 19 -10.85 -2.22 0.79
CA GLY J 19 -10.84 -1.16 -0.19
C GLY J 19 -11.70 -1.39 -1.42
N GLN J 20 -12.65 -2.30 -1.33
CA GLN J 20 -13.52 -2.59 -2.46
C GLN J 20 -14.69 -1.61 -2.55
N LYS J 21 -15.16 -1.36 -3.76
CA LYS J 21 -16.29 -0.44 -3.96
C LYS J 21 -17.58 -1.26 -4.10
N VAL J 22 -18.43 -1.20 -3.08
CA VAL J 22 -19.69 -1.94 -3.09
C VAL J 22 -20.92 -1.09 -3.37
N ASP J 23 -21.73 -1.51 -4.33
CA ASP J 23 -22.94 -0.79 -4.71
C ASP J 23 -24.18 -1.48 -4.19
N LEU J 24 -24.87 -0.84 -3.27
CA LEU J 24 -26.10 -1.42 -2.71
C LEU J 24 -27.30 -0.64 -3.24
N VAL J 25 -28.24 -1.35 -3.87
CA VAL J 25 -29.42 -0.71 -4.40
C VAL J 25 -30.68 -1.20 -3.73
N CYS J 26 -31.59 -0.27 -3.43
CA CYS J 26 -32.84 -0.60 -2.78
C CYS J 26 -33.93 -0.14 -3.73
N GLU J 27 -34.67 -1.10 -4.29
CA GLU J 27 -35.74 -0.76 -5.22
C GLU J 27 -37.12 -0.74 -4.56
N VAL J 28 -37.73 0.44 -4.54
CA VAL J 28 -39.05 0.55 -3.93
C VAL J 28 -40.11 0.36 -4.99
N LEU J 29 -41.18 -0.32 -4.59
CA LEU J 29 -42.28 -0.60 -5.48
C LEU J 29 -43.58 -0.02 -4.88
N GLY J 30 -44.33 0.68 -5.74
CA GLY J 30 -45.60 1.32 -5.41
C GLY J 30 -45.58 2.84 -5.30
N SER J 31 -46.75 3.49 -5.16
CA SER J 31 -46.83 4.94 -5.02
C SER J 31 -47.35 5.35 -3.64
N VAL J 32 -47.36 4.40 -2.72
CA VAL J 32 -47.84 4.66 -1.36
C VAL J 32 -46.69 5.01 -0.42
N SER J 33 -45.54 5.38 -0.99
CA SER J 33 -44.36 5.74 -0.23
C SER J 33 -43.56 6.76 -1.02
N GLN J 34 -42.48 7.25 -0.43
CA GLN J 34 -41.61 8.25 -1.08
C GLN J 34 -40.33 8.42 -0.29
N GLY J 35 -39.23 8.65 -0.99
CA GLY J 35 -37.95 8.84 -0.33
C GLY J 35 -37.46 7.51 0.23
N CYS J 36 -36.15 7.40 0.46
CA CYS J 36 -35.59 6.15 0.98
C CYS J 36 -34.53 6.33 2.05
N SER J 37 -34.55 5.43 3.03
CA SER J 37 -33.59 5.46 4.12
C SER J 37 -32.67 4.25 4.04
N TRP J 38 -31.42 4.46 4.39
CA TRP J 38 -30.43 3.40 4.38
C TRP J 38 -29.94 3.21 5.81
N LEU J 39 -30.04 1.99 6.32
CA LEU J 39 -29.58 1.73 7.67
C LEU J 39 -28.42 0.76 7.67
N PHE J 40 -27.68 0.74 8.77
CA PHE J 40 -26.54 -0.14 8.90
C PHE J 40 -26.29 -0.58 10.33
N GLN J 41 -26.11 -1.88 10.53
CA GLN J 41 -25.85 -2.42 11.86
C GLN J 41 -24.40 -2.93 11.88
N ASN J 42 -23.51 -2.18 12.54
CA ASN J 42 -22.09 -2.55 12.60
C ASN J 42 -21.87 -3.96 13.06
N SER J 43 -21.00 -4.65 12.33
CA SER J 43 -20.62 -6.02 12.62
C SER J 43 -19.54 -5.93 13.74
N SER J 44 -19.75 -5.02 14.69
CA SER J 44 -18.86 -4.75 15.84
C SER J 44 -19.68 -4.49 17.12
N SER J 45 -20.89 -4.00 16.87
CA SER J 45 -21.87 -3.62 17.86
C SER J 45 -22.53 -4.77 18.60
N LYS J 46 -22.25 -4.82 19.91
CA LYS J 46 -22.76 -5.81 20.84
C LYS J 46 -24.10 -6.35 20.39
N LEU J 47 -25.16 -5.93 21.06
CA LEU J 47 -26.50 -6.37 20.72
C LEU J 47 -26.99 -5.60 19.47
N PRO J 48 -28.02 -6.13 18.77
CA PRO J 48 -28.58 -5.54 17.55
C PRO J 48 -28.94 -4.07 17.65
N GLN J 49 -28.01 -3.26 17.14
CA GLN J 49 -28.09 -1.81 17.12
C GLN J 49 -28.03 -1.17 15.74
N PRO J 50 -29.19 -0.87 15.16
CA PRO J 50 -29.27 -0.23 13.82
C PRO J 50 -28.71 1.20 13.86
N THR J 51 -28.32 1.72 12.70
CA THR J 51 -27.74 3.07 12.59
C THR J 51 -28.22 3.77 11.33
N PHE J 52 -28.67 5.01 11.47
CA PHE J 52 -29.13 5.75 10.30
C PHE J 52 -27.93 6.22 9.50
N VAL J 53 -27.93 5.99 8.20
CA VAL J 53 -26.80 6.44 7.38
C VAL J 53 -27.16 7.69 6.61
N VAL J 54 -28.05 7.49 5.65
CA VAL J 54 -28.52 8.55 4.77
C VAL J 54 -29.96 8.40 4.31
N TYR J 55 -30.58 9.54 4.03
CA TYR J 55 -31.95 9.60 3.55
C TYR J 55 -31.90 10.32 2.21
N MET J 56 -32.59 9.78 1.21
CA MET J 56 -32.62 10.39 -0.09
C MET J 56 -34.09 10.52 -0.48
N ALA J 57 -34.56 11.75 -0.69
CA ALA J 57 -35.95 12.03 -1.07
C ALA J 57 -36.25 11.54 -2.50
N SER J 58 -37.53 11.29 -2.81
CA SER J 58 -37.98 10.82 -4.14
C SER J 58 -38.47 11.96 -5.03
N SER J 59 -37.84 13.12 -4.90
CA SER J 59 -38.22 14.29 -5.66
C SER J 59 -36.97 15.11 -5.81
N HIS J 60 -36.57 15.69 -4.69
CA HIS J 60 -35.40 16.50 -4.68
C HIS J 60 -34.15 15.73 -4.49
N ASN J 61 -33.09 16.45 -4.83
CA ASN J 61 -31.71 15.99 -4.77
C ASN J 61 -31.07 16.32 -3.43
N LYS J 62 -31.90 16.70 -2.47
CA LYS J 62 -31.40 17.02 -1.13
C LYS J 62 -31.26 15.74 -0.31
N ILE J 63 -30.02 15.28 -0.12
CA ILE J 63 -29.72 14.08 0.64
C ILE J 63 -29.19 14.43 2.04
N THR J 64 -29.92 14.01 3.06
CA THR J 64 -29.50 14.27 4.43
C THR J 64 -28.81 13.05 5.02
N TRP J 65 -27.56 13.22 5.43
CA TRP J 65 -26.75 12.17 6.04
C TRP J 65 -26.86 12.30 7.56
N ASP J 66 -26.17 11.45 8.30
CA ASP J 66 -26.20 11.55 9.74
C ASP J 66 -24.97 12.34 10.17
N GLU J 67 -25.20 13.26 11.11
CA GLU J 67 -24.18 14.14 11.67
C GLU J 67 -23.22 13.37 12.57
N LYS J 68 -23.62 12.15 12.92
CA LYS J 68 -22.79 11.29 13.79
C LYS J 68 -21.40 11.11 13.18
N LEU J 69 -21.35 10.86 11.88
CA LEU J 69 -20.10 10.67 11.15
C LEU J 69 -20.12 11.53 9.88
N ASN J 70 -21.28 12.13 9.60
CA ASN J 70 -21.50 12.97 8.43
C ASN J 70 -20.87 12.39 7.15
N SER J 71 -20.91 11.06 7.04
CA SER J 71 -20.39 10.32 5.89
C SER J 71 -18.87 10.28 5.73
N SER J 72 -18.20 11.24 6.35
CA SER J 72 -16.75 11.37 6.29
C SER J 72 -16.11 10.74 5.05
N LYS J 73 -16.83 10.69 3.93
CA LYS J 73 -16.29 10.10 2.69
C LYS J 73 -16.30 8.55 2.72
N LEU J 74 -16.61 7.95 3.88
CA LEU J 74 -16.65 6.48 3.99
C LEU J 74 -17.63 5.90 3.00
N PHE J 75 -18.84 6.44 3.09
CA PHE J 75 -19.99 6.09 2.27
C PHE J 75 -20.28 7.11 1.17
N SER J 76 -21.21 6.72 0.31
CA SER J 76 -21.64 7.50 -0.82
C SER J 76 -23.03 7.00 -1.23
N ALA J 77 -23.93 7.90 -1.60
CA ALA J 77 -25.27 7.50 -2.00
C ALA J 77 -25.86 8.39 -3.11
N MET J 78 -26.81 7.83 -3.87
CA MET J 78 -27.48 8.55 -4.98
C MET J 78 -28.75 7.84 -5.47
N ARG J 79 -29.65 8.53 -6.18
CA ARG J 79 -30.84 7.83 -6.66
C ARG J 79 -30.82 7.69 -8.18
N ASP J 80 -31.13 6.46 -8.58
CA ASP J 80 -31.16 5.95 -9.96
C ASP J 80 -32.52 5.90 -10.66
N THR J 81 -32.64 4.88 -11.51
CA THR J 81 -33.80 4.58 -12.34
C THR J 81 -35.17 4.51 -11.64
N ASN J 82 -35.78 3.33 -11.64
CA ASN J 82 -37.10 3.10 -11.06
C ASN J 82 -37.18 2.89 -9.55
N ASN J 83 -37.19 3.99 -8.78
CA ASN J 83 -37.24 3.92 -7.33
C ASN J 83 -36.03 3.17 -6.81
N LYS J 84 -34.92 3.28 -7.53
CA LYS J 84 -33.69 2.61 -7.14
C LYS J 84 -32.76 3.58 -6.44
N TYR J 85 -32.66 3.42 -5.12
CA TYR J 85 -31.82 4.27 -4.29
C TYR J 85 -30.53 3.50 -4.01
N VAL J 86 -29.42 3.99 -4.58
CA VAL J 86 -28.11 3.34 -4.39
C VAL J 86 -27.23 3.93 -3.30
N LEU J 87 -26.40 3.06 -2.78
CA LEU J 87 -25.48 3.38 -1.72
C LEU J 87 -24.20 2.61 -2.02
N THR J 88 -23.19 3.33 -2.49
CA THR J 88 -21.92 2.71 -2.82
C THR J 88 -20.94 2.96 -1.67
N LEU J 89 -20.44 1.86 -1.08
CA LEU J 89 -19.48 1.89 0.02
C LEU J 89 -18.24 2.02 -0.76
N ASN J 90 -17.89 3.26 -0.97
CA ASN J 90 -16.79 3.45 -1.79
C ASN J 90 -15.38 3.13 -1.36
N LYS J 91 -15.21 2.21 -0.44
CA LYS J 91 -13.87 1.81 -0.01
C LYS J 91 -14.04 0.94 1.21
N PHE J 92 -14.65 -0.23 0.97
CA PHE J 92 -14.90 -1.19 2.02
C PHE J 92 -13.70 -1.51 2.90
N SER J 93 -13.69 -0.85 4.06
CA SER J 93 -12.70 -0.95 5.12
C SER J 93 -13.44 -1.69 6.25
N LYS J 94 -12.75 -2.04 7.33
CA LYS J 94 -13.38 -2.75 8.45
C LYS J 94 -14.52 -1.93 9.01
N GLU J 95 -14.32 -0.62 9.05
CA GLU J 95 -15.32 0.30 9.56
C GLU J 95 -16.67 0.19 8.85
N ASN J 96 -16.69 -0.39 7.65
CA ASN J 96 -17.94 -0.55 6.89
C ASN J 96 -18.66 -1.87 7.15
N GLU J 97 -17.89 -2.94 7.38
CA GLU J 97 -18.44 -4.28 7.62
C GLU J 97 -19.66 -4.31 8.56
N GLY J 98 -20.74 -4.91 8.10
CA GLY J 98 -21.94 -4.98 8.91
C GLY J 98 -23.17 -5.44 8.15
N TYR J 99 -24.34 -5.24 8.76
CA TYR J 99 -25.61 -5.62 8.16
C TYR J 99 -26.31 -4.36 7.67
N TYR J 100 -26.44 -4.25 6.34
CA TYR J 100 -27.08 -3.11 5.70
C TYR J 100 -28.47 -3.44 5.21
N PHE J 101 -29.34 -2.44 5.21
CA PHE J 101 -30.71 -2.62 4.73
C PHE J 101 -31.39 -1.28 4.64
N CYS J 102 -32.48 -1.24 3.88
CA CYS J 102 -33.21 0.01 3.69
C CYS J 102 -34.58 0.03 4.30
N SER J 103 -35.00 1.24 4.66
CA SER J 103 -36.31 1.45 5.26
C SER J 103 -37.10 2.45 4.42
N VAL J 104 -38.42 2.43 4.62
CA VAL J 104 -39.34 3.30 3.92
C VAL J 104 -40.62 3.45 4.75
N ILE J 105 -41.13 4.68 4.82
CA ILE J 105 -42.35 4.94 5.56
C ILE J 105 -43.55 4.93 4.60
N SER J 106 -44.72 4.60 5.13
CA SER J 106 -45.95 4.56 4.37
C SER J 106 -47.10 4.72 5.32
N ASN J 107 -47.80 5.84 5.26
CA ASN J 107 -48.93 6.06 6.16
C ASN J 107 -48.61 5.61 7.59
N SER J 108 -47.67 6.36 8.18
CA SER J 108 -47.11 6.22 9.53
C SER J 108 -46.32 4.93 9.81
N VAL J 109 -46.36 3.95 8.92
CA VAL J 109 -45.67 2.67 9.11
C VAL J 109 -44.27 2.56 8.47
N MET J 110 -43.38 1.84 9.16
CA MET J 110 -42.01 1.62 8.69
C MET J 110 -41.83 0.26 8.03
N TYR J 111 -41.12 0.25 6.91
CA TYR J 111 -40.88 -0.98 6.19
C TYR J 111 -39.38 -1.14 5.92
N PHE J 112 -38.88 -2.35 6.12
CA PHE J 112 -37.48 -2.65 5.91
C PHE J 112 -37.30 -3.83 4.97
N SER J 113 -36.19 -3.77 4.26
CA SER J 113 -35.77 -4.85 3.37
C SER J 113 -35.09 -5.96 4.15
N SER J 114 -34.65 -6.97 3.51
CA SER J 114 -33.97 -8.00 4.24
C SER J 114 -32.55 -7.41 4.36
N VAL J 115 -31.89 -7.64 5.49
CA VAL J 115 -30.54 -7.10 5.67
C VAL J 115 -29.53 -7.83 4.81
N VAL J 116 -28.66 -7.06 4.18
CA VAL J 116 -27.64 -7.57 3.31
C VAL J 116 -26.32 -7.57 4.09
N PRO J 117 -25.83 -8.75 4.46
CA PRO J 117 -24.57 -8.78 5.21
C PRO J 117 -23.41 -8.37 4.31
N VAL J 118 -22.56 -7.49 4.81
CA VAL J 118 -21.40 -7.04 4.05
C VAL J 118 -20.17 -7.25 4.93
N LEU J 119 -19.68 -8.49 4.88
CA LEU J 119 -18.51 -8.97 5.62
C LEU J 119 -17.31 -9.00 4.70
N GLN J 120 -16.12 -8.79 5.28
CA GLN J 120 -14.89 -8.80 4.52
C GLN J 120 -14.46 -10.26 4.45
N LYS J 121 -15.19 -11.08 5.21
CA LYS J 121 -14.94 -12.49 5.28
C LYS J 121 -14.71 -13.01 3.90
N VAL J 122 -13.48 -13.38 3.67
CA VAL J 122 -13.10 -13.91 2.41
C VAL J 122 -11.88 -14.67 2.87
N SER J 123 -11.98 -15.22 4.08
CA SER J 123 -10.89 -15.98 4.70
C SER J 123 -11.11 -17.50 4.79
N SER J 124 -10.12 -18.26 4.33
CA SER J 124 -10.18 -19.73 4.34
C SER J 124 -8.83 -20.28 3.99
N ALA J 125 -8.08 -19.51 3.22
CA ALA J 125 -6.77 -19.96 2.82
C ALA J 125 -6.95 -21.04 1.74
C1 NAG K . 48.56 -11.78 24.16
C2 NAG K . 47.69 -13.12 23.65
C3 NAG K . 46.59 -12.84 22.55
C4 NAG K . 45.94 -11.48 22.75
C5 NAG K . 47.03 -10.45 23.07
C6 NAG K . 46.52 -9.00 23.23
C7 NAG K . 48.73 -15.29 24.18
C8 NAG K . 49.45 -16.51 23.58
N2 NAG K . 48.37 -14.36 23.27
O3 NAG K . 45.58 -13.87 22.57
O4 NAG K . 45.21 -11.13 21.58
O5 NAG K . 47.60 -10.79 24.35
O6 NAG K . 45.69 -8.89 24.38
O7 NAG K . 48.52 -15.23 25.40
C1 NAG L . 70.87 3.24 19.73
C2 NAG L . 72.29 3.04 18.95
C3 NAG L . 72.81 4.46 18.46
C4 NAG L . 71.70 5.31 17.81
C5 NAG L . 70.56 5.37 18.74
C6 NAG L . 69.27 6.05 18.22
C7 NAG L . 73.71 1.24 19.82
C8 NAG L . 74.89 0.84 20.72
N2 NAG L . 73.39 2.54 19.78
O3 NAG L . 73.88 4.29 17.53
O4 NAG L . 72.15 6.63 17.59
O5 NAG L . 70.14 4.12 18.94
O6 NAG L . 68.76 5.48 17.00
O7 NAG L . 73.10 0.39 19.17
C1 NAG M . -40.58 -13.81 16.48
C2 NAG M . -41.53 -15.07 16.64
C3 NAG M . -42.70 -15.07 15.59
C4 NAG M . -43.33 -13.67 15.39
C5 NAG M . -42.22 -12.62 15.24
C6 NAG M . -42.72 -11.19 15.06
C7 NAG M . -40.44 -17.01 17.62
C8 NAG M . -39.78 -18.36 17.33
N2 NAG M . -40.88 -16.37 16.55
O3 NAG M . -43.71 -16.00 15.95
O4 NAG M . -44.16 -13.67 14.23
O5 NAG M . -41.31 -12.57 16.38
O6 NAG M . -43.44 -10.72 16.19
O7 NAG M . -40.54 -16.58 18.78
C1 NAG N . -18.30 0.45 12.90
C2 NAG N . -17.96 2.04 12.83
C3 NAG N . -16.43 2.15 12.89
C4 NAG N . -15.78 1.21 13.97
C5 NAG N . -16.36 -0.15 13.90
C6 NAG N . -15.95 -1.14 14.97
C7 NAG N . -19.45 3.48 11.49
C8 NAG N . -19.71 4.12 10.13
N2 NAG N . -18.36 2.72 11.59
O3 NAG N . -15.98 3.49 13.07
O4 NAG N . -14.38 1.14 13.81
O5 NAG N . -17.70 -0.01 14.04
O6 NAG N . -16.28 -0.70 16.29
O7 NAG N . -20.21 3.67 12.44
#